data_9PNK
#
_entry.id   9PNK
#
_cell.length_a   84.785
_cell.length_b   97.475
_cell.length_c   123.356
_cell.angle_alpha   90.000
_cell.angle_beta   90.000
_cell.angle_gamma   90.000
#
_symmetry.space_group_name_H-M   'P 21 21 21'
#
loop_
_entity.id
_entity.type
_entity.pdbx_description
1 polymer Alpha-L-fucosidase
2 non-polymer beta-L-fucopyranose
3 non-polymer 'MAGNESIUM ION'
4 water water
#
_entity_poly.entity_id   1
_entity_poly.type   'polypeptide(L)'
_entity_poly.pdbx_seq_one_letter_code
;MGSSHHHHHHSSGLVPRGSHMFSQKNVTHPYWAPKTWKLRADDITTIMGFRAKLKGNLNHLDRPTPTVVNNAFIRGFLTK
EDVMTWEVEAPYEAEYNIALLYTGSNDILSESTFEVTSGTSKIIEKANVKNWDTRPIVQRHYLKQNLLLKKGINKISFRL
VTFGKEKTKEENAEIKANANIKPNPFAFWSIELVRPEALVAIKERAKEIKADLQWMVDGKYGLFVHFSSSSVPFEGGLKL
GDQYQKLVKDFDVDVFVEKVLEIGASWVTFTCAHGTQHWPGPSKTIDSIKSGFTCERDLIRELIDGLGKHNIRLMLYYNP
NSGMEDLYGNTYGNGDQPDPSGYFNFLEAHFREVSLRYGKDLASTAGYIDDGGWKVYQLDPPWEKFVKAIKAGNPNAPVG
FSQNLFPNLTPFSDLVVSDGSGRVPEIQPAFLFEKGGQLEGQYPASWFYMDGWSSRVKNGKFTQKPKFSAEKYIEIFKKA
DQVNMPITINLAMTPDVTKGHPIFNPESIEIMKKVRKAVKGYLEHHHHHH
;
_entity_poly.pdbx_strand_id   A,B
#
loop_
_chem_comp.id
_chem_comp.type
_chem_comp.name
_chem_comp.formula
FUL L-saccharide, beta linking beta-L-fucopyranose 'C6 H12 O5'
MG non-polymer 'MAGNESIUM ION' 'Mg 2'
#
# COMPACT_ATOMS: atom_id res chain seq x y z
N LYS A 25 -1.41 -29.86 -2.00
CA LYS A 25 -1.05 -29.21 -3.24
C LYS A 25 0.22 -28.35 -3.05
N ASN A 26 0.68 -28.27 -1.80
CA ASN A 26 1.85 -27.46 -1.49
C ASN A 26 3.11 -28.10 -2.03
N VAL A 27 4.07 -27.28 -2.44
CA VAL A 27 5.28 -27.74 -3.10
C VAL A 27 6.48 -27.31 -2.27
N THR A 28 7.36 -28.27 -1.98
CA THR A 28 8.64 -27.97 -1.36
C THR A 28 9.69 -28.86 -2.03
N HIS A 29 10.71 -28.23 -2.60
CA HIS A 29 11.96 -28.90 -2.94
C HIS A 29 12.43 -29.64 -1.70
N PRO A 30 13.17 -30.75 -1.83
CA PRO A 30 13.61 -31.47 -0.63
C PRO A 30 14.33 -30.63 0.41
N TYR A 31 15.07 -29.60 0.01
CA TYR A 31 15.76 -28.75 0.98
C TYR A 31 14.79 -27.99 1.87
N TRP A 32 13.57 -27.74 1.41
CA TRP A 32 12.58 -27.03 2.20
C TRP A 32 11.51 -27.94 2.82
N ALA A 33 11.49 -29.24 2.48
CA ALA A 33 10.41 -30.12 2.91
C ALA A 33 10.37 -30.27 4.43
N PRO A 34 9.20 -30.62 4.98
CA PRO A 34 9.14 -30.96 6.40
C PRO A 34 10.18 -32.01 6.73
N LYS A 35 10.81 -31.85 7.89
CA LYS A 35 11.74 -32.85 8.38
C LYS A 35 11.78 -32.71 9.89
N THR A 36 12.41 -33.70 10.54
CA THR A 36 12.53 -33.64 11.99
C THR A 36 13.58 -32.61 12.36
N TRP A 37 13.23 -31.72 13.27
CA TRP A 37 14.11 -30.63 13.67
C TRP A 37 14.80 -30.96 14.98
N LYS A 38 16.13 -30.86 14.98
CA LYS A 38 16.88 -31.01 16.23
C LYS A 38 16.69 -29.77 17.11
N LEU A 39 16.29 -29.99 18.35
CA LEU A 39 16.25 -28.91 19.31
C LEU A 39 17.65 -28.65 19.85
N ARG A 40 17.99 -27.37 20.01
CA ARG A 40 19.24 -26.95 20.63
C ARG A 40 18.90 -26.51 22.06
N ALA A 41 19.19 -27.37 23.04
CA ALA A 41 18.62 -27.22 24.37
C ALA A 41 19.13 -26.00 25.12
N ASP A 42 20.23 -25.40 24.69
CA ASP A 42 20.76 -24.20 25.35
C ASP A 42 20.55 -22.94 24.52
N ASP A 43 19.67 -23.01 23.52
CA ASP A 43 19.52 -21.98 22.51
C ASP A 43 18.04 -21.76 22.22
N ILE A 44 17.73 -20.71 21.46
CA ILE A 44 16.41 -20.52 20.90
C ILE A 44 16.37 -21.24 19.54
N THR A 45 15.51 -22.24 19.42
CA THR A 45 15.36 -23.00 18.18
C THR A 45 14.15 -22.45 17.43
N THR A 46 14.34 -22.06 16.16
CA THR A 46 13.26 -21.52 15.35
C THR A 46 12.97 -22.47 14.19
N ILE A 47 11.69 -22.70 13.92
CA ILE A 47 11.25 -23.66 12.91
C ILE A 47 10.16 -22.99 12.11
N MET A 48 10.44 -22.73 10.83
CA MET A 48 9.46 -22.20 9.89
C MET A 48 8.21 -23.08 9.81
N GLY A 49 7.06 -22.43 9.63
CA GLY A 49 5.80 -23.15 9.48
C GLY A 49 5.79 -24.20 8.37
N PHE A 50 6.46 -23.93 7.25
CA PHE A 50 6.44 -24.93 6.18
C PHE A 50 7.30 -26.14 6.51
N ARG A 51 7.97 -26.18 7.66
CA ARG A 51 8.62 -27.41 8.09
C ARG A 51 7.65 -28.37 8.78
N ALA A 52 6.41 -27.96 8.97
CA ALA A 52 5.38 -28.81 9.55
C ALA A 52 4.62 -29.56 8.46
N LYS A 53 4.09 -30.74 8.80
CA LYS A 53 3.12 -31.39 7.94
C LYS A 53 1.81 -30.62 8.03
N LEU A 54 1.21 -30.32 6.89
CA LEU A 54 0.02 -29.49 6.82
C LEU A 54 -1.17 -30.32 6.37
N LYS A 55 -2.30 -30.09 7.03
CA LYS A 55 -3.54 -30.83 6.70
C LYS A 55 -4.67 -29.82 6.54
N GLY A 56 -5.72 -30.23 5.83
CA GLY A 56 -6.87 -29.37 5.60
C GLY A 56 -6.58 -28.27 4.59
N ASN A 57 -7.09 -27.07 4.89
CA ASN A 57 -6.93 -25.88 4.05
C ASN A 57 -5.52 -25.31 4.05
N LEU A 58 -4.64 -25.71 4.97
CA LEU A 58 -3.38 -24.99 5.15
C LEU A 58 -2.52 -25.04 3.90
N ASN A 59 -1.93 -23.90 3.55
CA ASN A 59 -1.16 -23.79 2.32
C ASN A 59 -0.11 -22.70 2.44
N HIS A 60 0.87 -22.75 1.54
CA HIS A 60 1.91 -21.74 1.41
C HIS A 60 2.32 -21.68 -0.05
N LEU A 61 2.94 -20.57 -0.44
CA LEU A 61 3.53 -20.44 -1.78
C LEU A 61 4.53 -21.55 -2.08
N ASP A 62 4.55 -22.00 -3.33
CA ASP A 62 5.46 -23.06 -3.74
C ASP A 62 6.91 -22.68 -3.46
N ARG A 63 7.72 -23.67 -3.08
CA ARG A 63 9.16 -23.51 -2.90
C ARG A 63 9.83 -24.61 -3.70
N PRO A 64 9.87 -24.47 -5.03
CA PRO A 64 10.30 -25.58 -5.88
C PRO A 64 11.79 -25.72 -6.07
N THR A 65 12.60 -24.76 -5.65
CA THR A 65 14.04 -24.84 -5.89
C THR A 65 14.78 -24.70 -4.56
N PRO A 66 16.11 -24.91 -4.53
CA PRO A 66 16.87 -24.62 -3.30
C PRO A 66 16.85 -23.15 -2.88
N THR A 67 16.35 -22.24 -3.71
CA THR A 67 16.41 -20.82 -3.38
C THR A 67 15.30 -20.43 -2.42
N VAL A 68 15.64 -19.63 -1.41
CA VAL A 68 14.68 -19.24 -0.40
C VAL A 68 13.55 -18.42 -1.05
N VAL A 69 12.33 -18.58 -0.53
CA VAL A 69 11.15 -17.85 -0.98
C VAL A 69 10.70 -16.97 0.18
N ASN A 70 10.69 -15.65 -0.03
CA ASN A 70 10.36 -14.73 1.05
C ASN A 70 8.99 -15.04 1.65
N ASN A 71 7.95 -15.12 0.82
CA ASN A 71 6.59 -15.28 1.31
C ASN A 71 6.40 -16.72 1.82
N ALA A 72 6.85 -16.96 3.06
CA ALA A 72 6.82 -18.31 3.61
C ALA A 72 5.58 -18.62 4.44
N PHE A 73 4.64 -17.67 4.57
CA PHE A 73 3.55 -17.82 5.53
C PHE A 73 2.65 -19.00 5.23
N ILE A 74 2.13 -19.63 6.30
CA ILE A 74 1.07 -20.63 6.20
C ILE A 74 -0.28 -19.92 6.35
N ARG A 75 -1.20 -20.17 5.41
CA ARG A 75 -2.52 -19.59 5.48
C ARG A 75 -3.58 -20.69 5.39
N GLY A 76 -4.82 -20.30 5.66
CA GLY A 76 -5.93 -21.24 5.59
C GLY A 76 -6.35 -21.85 6.91
N PHE A 77 -6.01 -21.23 8.05
CA PHE A 77 -6.49 -21.66 9.36
C PHE A 77 -7.95 -21.26 9.51
N LEU A 78 -8.84 -22.01 8.84
CA LEU A 78 -10.26 -21.66 8.79
C LEU A 78 -11.16 -22.54 9.65
N THR A 79 -10.78 -23.80 9.89
CA THR A 79 -11.56 -24.72 10.72
C THR A 79 -10.63 -25.44 11.68
N LYS A 80 -11.25 -26.18 12.61
CA LYS A 80 -10.55 -26.99 13.60
C LYS A 80 -9.78 -28.16 13.00
N GLU A 81 -10.04 -28.52 11.74
CA GLU A 81 -9.27 -29.56 11.06
C GLU A 81 -8.03 -29.02 10.33
N ASP A 82 -7.85 -27.70 10.25
CA ASP A 82 -6.71 -27.09 9.57
C ASP A 82 -5.53 -27.02 10.55
N VAL A 83 -4.71 -28.08 10.56
CA VAL A 83 -3.76 -28.34 11.63
C VAL A 83 -2.39 -28.58 11.02
N MET A 84 -1.35 -28.08 11.69
CA MET A 84 0.00 -28.33 11.25
C MET A 84 0.76 -29.07 12.34
N THR A 85 1.70 -29.94 11.93
CA THR A 85 2.41 -30.77 12.88
C THR A 85 3.90 -30.80 12.56
N TRP A 86 4.71 -30.29 13.48
CA TRP A 86 6.16 -30.44 13.37
C TRP A 86 6.60 -31.74 14.03
N GLU A 87 7.81 -32.18 13.69
CA GLU A 87 8.48 -33.25 14.41
C GLU A 87 9.81 -32.71 14.91
N VAL A 88 10.01 -32.73 16.22
CA VAL A 88 11.21 -32.17 16.80
C VAL A 88 11.88 -33.19 17.71
N GLU A 89 13.18 -33.00 17.88
CA GLU A 89 14.02 -33.92 18.64
C GLU A 89 14.64 -33.17 19.81
N ALA A 90 14.20 -33.51 21.01
CA ALA A 90 14.74 -32.95 22.24
C ALA A 90 15.86 -33.85 22.78
N PRO A 91 16.95 -33.27 23.30
CA PRO A 91 18.00 -34.12 23.87
C PRO A 91 17.64 -34.70 25.21
N TYR A 92 16.72 -34.07 25.94
CA TYR A 92 16.26 -34.63 27.20
C TYR A 92 14.91 -34.00 27.53
N GLU A 93 14.13 -34.72 28.32
CA GLU A 93 12.84 -34.23 28.75
C GLU A 93 12.99 -32.89 29.46
N ALA A 94 12.21 -31.90 29.05
CA ALA A 94 12.28 -30.59 29.69
C ALA A 94 11.09 -29.75 29.26
N GLU A 95 10.81 -28.70 30.02
CA GLU A 95 9.77 -27.76 29.65
C GLU A 95 10.34 -26.74 28.68
N TYR A 96 9.57 -26.45 27.62
CA TYR A 96 9.98 -25.52 26.58
C TYR A 96 8.97 -24.38 26.49
N ASN A 97 9.47 -23.15 26.49
CA ASN A 97 8.65 -21.98 26.22
C ASN A 97 8.40 -21.86 24.72
N ILE A 98 7.17 -21.57 24.33
CA ILE A 98 6.75 -21.53 22.93
C ILE A 98 6.45 -20.08 22.58
N ALA A 99 7.04 -19.61 21.48
CA ALA A 99 6.67 -18.35 20.88
C ALA A 99 6.15 -18.62 19.48
N LEU A 100 5.11 -17.88 19.10
CA LEU A 100 4.55 -17.93 17.77
C LEU A 100 4.75 -16.59 17.11
N LEU A 101 5.07 -16.60 15.82
CA LEU A 101 5.17 -15.41 15.01
C LEU A 101 4.12 -15.49 13.92
N TYR A 102 3.26 -14.48 13.85
CA TYR A 102 2.11 -14.51 12.94
C TYR A 102 1.66 -13.06 12.69
N THR A 103 0.71 -12.93 11.77
CA THR A 103 0.12 -11.64 11.45
C THR A 103 -1.31 -11.88 10.97
N GLY A 104 -2.03 -10.81 10.72
CA GLY A 104 -3.37 -10.92 10.17
C GLY A 104 -4.26 -9.78 10.64
N SER A 105 -5.42 -9.70 10.01
CA SER A 105 -6.45 -8.74 10.42
C SER A 105 -6.64 -8.76 11.94
N ASN A 106 -6.65 -7.57 12.53
CA ASN A 106 -6.99 -7.49 13.94
C ASN A 106 -8.40 -8.00 14.19
N ASP A 107 -9.29 -7.83 13.21
CA ASP A 107 -10.63 -8.43 13.34
C ASP A 107 -10.53 -9.94 13.50
N ILE A 108 -9.67 -10.59 12.68
CA ILE A 108 -9.49 -12.03 12.81
C ILE A 108 -8.79 -12.37 14.12
N LEU A 109 -7.75 -11.61 14.48
CA LEU A 109 -6.96 -11.98 15.64
C LEU A 109 -7.78 -11.87 16.91
N SER A 110 -8.61 -10.83 17.01
CA SER A 110 -9.34 -10.58 18.23
C SER A 110 -10.25 -11.75 18.63
N GLU A 111 -10.46 -12.73 17.74
CA GLU A 111 -11.33 -13.85 18.04
C GLU A 111 -10.70 -15.19 17.70
N SER A 112 -9.38 -15.21 17.50
CA SER A 112 -8.67 -16.45 17.26
C SER A 112 -8.11 -17.01 18.57
N THR A 113 -8.26 -18.31 18.77
CA THR A 113 -7.67 -19.01 19.90
C THR A 113 -6.73 -20.07 19.38
N PHE A 114 -5.51 -20.08 19.90
CA PHE A 114 -4.48 -21.01 19.50
C PHE A 114 -4.56 -22.28 20.33
N GLU A 115 -4.11 -23.39 19.73
CA GLU A 115 -3.93 -24.62 20.50
C GLU A 115 -2.62 -25.25 20.08
N VAL A 116 -1.69 -25.40 21.03
CA VAL A 116 -0.41 -26.07 20.79
C VAL A 116 -0.37 -27.35 21.61
N THR A 117 -0.15 -28.48 20.95
CA THR A 117 -0.21 -29.77 21.63
C THR A 117 1.05 -30.60 21.36
N SER A 118 1.45 -31.37 22.36
CA SER A 118 2.42 -32.45 22.20
C SER A 118 2.18 -33.45 23.33
N GLY A 119 2.16 -34.73 23.01
CA GLY A 119 1.81 -35.73 23.98
C GLY A 119 0.51 -35.40 24.69
N THR A 120 0.56 -35.30 26.01
CA THR A 120 -0.59 -34.85 26.79
C THR A 120 -0.51 -33.37 27.14
N SER A 121 0.56 -32.69 26.74
CA SER A 121 0.74 -31.28 27.03
C SER A 121 -0.04 -30.43 26.03
N LYS A 122 -0.78 -29.44 26.53
CA LYS A 122 -1.69 -28.66 25.72
C LYS A 122 -1.69 -27.21 26.18
N ILE A 123 -1.62 -26.28 25.24
CA ILE A 123 -1.64 -24.85 25.52
C ILE A 123 -2.80 -24.23 24.75
N ILE A 124 -3.62 -23.46 25.44
CA ILE A 124 -4.74 -22.75 24.83
C ILE A 124 -4.60 -21.27 25.18
N GLU A 125 -4.69 -20.40 24.18
CA GLU A 125 -4.42 -18.99 24.44
C GLU A 125 -4.99 -18.13 23.32
N LYS A 126 -5.69 -17.06 23.69
CA LYS A 126 -6.18 -16.09 22.72
C LYS A 126 -5.03 -15.39 22.00
N ALA A 127 -5.26 -15.04 20.75
CA ALA A 127 -4.27 -14.29 19.97
C ALA A 127 -4.17 -12.85 20.47
N ASN A 128 -3.02 -12.23 20.22
CA ASN A 128 -2.82 -10.83 20.59
C ASN A 128 -3.16 -9.91 19.42
N VAL A 129 -3.93 -8.88 19.70
CA VAL A 129 -4.22 -7.85 18.71
C VAL A 129 -2.99 -6.94 18.57
N LYS A 130 -2.66 -6.56 17.33
CA LYS A 130 -1.57 -5.62 17.06
C LYS A 130 -2.07 -4.21 17.38
N ASN A 131 -1.59 -3.63 18.47
CA ASN A 131 -2.05 -2.33 18.93
C ASN A 131 -1.03 -1.22 18.70
N TRP A 132 -0.19 -1.37 17.68
CA TRP A 132 0.69 -0.31 17.24
C TRP A 132 0.49 -0.11 15.73
N ASP A 133 0.70 1.12 15.28
CA ASP A 133 0.43 1.48 13.89
C ASP A 133 1.62 1.30 12.96
N THR A 134 2.76 0.85 13.47
CA THR A 134 4.00 0.82 12.71
C THR A 134 4.41 -0.63 12.46
N ARG A 135 5.55 -0.78 11.80
CA ARG A 135 6.31 -2.02 11.91
C ARG A 135 6.69 -2.24 13.37
N PRO A 136 6.86 -3.52 13.78
CA PRO A 136 6.70 -4.77 13.00
C PRO A 136 5.24 -5.13 12.63
N ILE A 137 5.02 -5.69 11.44
CA ILE A 137 3.72 -6.17 11.00
C ILE A 137 3.48 -7.58 11.53
N VAL A 138 4.51 -8.41 11.51
CA VAL A 138 4.49 -9.71 12.15
C VAL A 138 4.83 -9.53 13.62
N GLN A 139 4.11 -10.23 14.52
CA GLN A 139 4.38 -10.12 15.94
C GLN A 139 4.79 -11.47 16.50
N ARG A 140 5.60 -11.42 17.56
CA ARG A 140 6.06 -12.60 18.28
C ARG A 140 5.24 -12.71 19.57
N HIS A 141 4.61 -13.86 19.77
CA HIS A 141 3.70 -14.11 20.87
C HIS A 141 4.30 -15.21 21.73
N TYR A 142 4.81 -14.82 22.90
CA TYR A 142 5.26 -15.79 23.91
C TYR A 142 4.03 -16.36 24.61
N LEU A 143 3.79 -17.65 24.40
CA LEU A 143 2.71 -18.34 25.10
C LEU A 143 3.02 -18.44 26.59
N LYS A 144 2.02 -18.16 27.43
CA LYS A 144 2.21 -18.07 28.87
C LYS A 144 2.58 -19.43 29.46
N GLN A 145 1.78 -20.46 29.17
CA GLN A 145 2.07 -21.78 29.68
C GLN A 145 3.14 -22.46 28.84
N ASN A 146 3.97 -23.25 29.50
CA ASN A 146 5.06 -23.95 28.84
C ASN A 146 4.57 -25.29 28.29
N LEU A 147 5.31 -25.81 27.34
CA LEU A 147 5.04 -27.10 26.71
C LEU A 147 6.08 -28.10 27.20
N LEU A 148 5.62 -29.18 27.82
CA LEU A 148 6.54 -30.24 28.21
C LEU A 148 6.83 -31.12 27.01
N LEU A 149 8.11 -31.47 26.84
CA LEU A 149 8.54 -32.30 25.73
C LEU A 149 9.33 -33.49 26.26
N LYS A 150 9.03 -34.68 25.75
CA LYS A 150 9.76 -35.87 26.16
C LYS A 150 11.07 -35.98 25.40
N LYS A 151 11.96 -36.81 25.94
CA LYS A 151 13.24 -37.10 25.28
C LYS A 151 13.01 -37.75 23.93
N GLY A 152 13.69 -37.23 22.90
CA GLY A 152 13.63 -37.81 21.58
C GLY A 152 12.57 -37.19 20.70
N ILE A 153 11.94 -38.00 19.85
CA ILE A 153 11.00 -37.52 18.83
C ILE A 153 9.72 -37.07 19.50
N ASN A 154 9.34 -35.82 19.26
CA ASN A 154 8.05 -35.28 19.69
C ASN A 154 7.34 -34.68 18.49
N LYS A 155 6.04 -34.93 18.41
CA LYS A 155 5.17 -34.24 17.47
C LYS A 155 4.49 -33.07 18.17
N ILE A 156 4.59 -31.88 17.58
CA ILE A 156 3.96 -30.68 18.10
C ILE A 156 2.98 -30.15 17.06
N SER A 157 1.74 -29.96 17.49
CA SER A 157 0.66 -29.54 16.62
C SER A 157 0.20 -28.14 16.98
N PHE A 158 -0.17 -27.39 15.97
CA PHE A 158 -0.72 -26.05 16.11
C PHE A 158 -1.97 -25.96 15.26
N ARG A 159 -3.01 -25.36 15.82
CA ARG A 159 -4.25 -25.08 15.09
C ARG A 159 -4.98 -23.99 15.82
N LEU A 160 -6.00 -23.43 15.16
CA LEU A 160 -6.94 -22.53 15.80
C LEU A 160 -8.17 -23.32 16.22
N VAL A 161 -8.77 -22.95 17.34
CA VAL A 161 -9.99 -23.59 17.82
C VAL A 161 -11.16 -22.62 17.93
N THR A 162 -10.91 -21.32 17.86
CA THR A 162 -11.95 -20.32 17.60
C THR A 162 -11.43 -19.41 16.49
N PHE A 163 -12.37 -18.81 15.74
CA PHE A 163 -12.07 -18.14 14.49
C PHE A 163 -12.80 -16.82 14.43
N GLY A 164 -12.14 -15.82 13.83
CA GLY A 164 -12.77 -14.56 13.50
C GLY A 164 -12.92 -14.42 11.99
N LYS A 165 -13.45 -13.27 11.59
CA LYS A 165 -13.64 -12.92 10.19
C LYS A 165 -13.34 -11.44 10.01
N GLU A 166 -12.82 -11.10 8.84
CA GLU A 166 -12.57 -9.69 8.54
C GLU A 166 -13.87 -8.90 8.43
N LYS A 167 -13.82 -7.63 8.80
CA LYS A 167 -14.99 -6.75 8.76
C LYS A 167 -14.67 -5.50 7.96
N THR A 168 -15.70 -4.67 7.76
CA THR A 168 -15.56 -3.42 7.04
C THR A 168 -14.72 -2.41 7.81
N ALA A 179 -7.12 0.77 -0.98
CA ALA A 179 -7.73 -0.39 -1.62
C ALA A 179 -8.07 -1.44 -0.58
N ASN A 180 -9.36 -1.54 -0.24
CA ASN A 180 -9.85 -2.66 0.56
C ASN A 180 -10.28 -3.78 -0.38
N ILE A 181 -9.28 -4.39 -1.02
CA ILE A 181 -9.49 -5.55 -1.88
C ILE A 181 -8.76 -6.74 -1.32
N LYS A 182 -7.45 -6.63 -1.16
CA LYS A 182 -6.67 -7.80 -0.76
C LYS A 182 -7.04 -8.23 0.66
N PRO A 183 -7.31 -9.52 0.90
CA PRO A 183 -7.63 -9.96 2.26
C PRO A 183 -6.39 -9.97 3.15
N ASN A 184 -6.63 -10.09 4.45
CA ASN A 184 -5.57 -10.07 5.46
C ASN A 184 -5.80 -11.25 6.40
N PRO A 185 -5.62 -12.48 5.91
CA PRO A 185 -5.96 -13.66 6.72
C PRO A 185 -4.92 -13.92 7.80
N PHE A 186 -5.27 -14.84 8.72
CA PHE A 186 -4.27 -15.27 9.68
C PHE A 186 -3.14 -15.94 8.93
N ALA A 187 -1.92 -15.45 9.15
CA ALA A 187 -0.74 -15.91 8.43
C ALA A 187 0.30 -16.32 9.45
N PHE A 188 0.64 -17.60 9.49
CA PHE A 188 1.57 -18.14 10.46
C PHE A 188 2.97 -18.15 9.86
N TRP A 189 3.93 -17.60 10.59
CA TRP A 189 5.30 -17.53 10.09
C TRP A 189 6.17 -18.64 10.70
N SER A 190 6.31 -18.67 12.02
CA SER A 190 7.24 -19.61 12.63
C SER A 190 6.86 -19.86 14.07
N ILE A 191 7.43 -20.94 14.59
CA ILE A 191 7.37 -21.30 15.99
C ILE A 191 8.80 -21.22 16.54
N GLU A 192 8.92 -20.84 17.83
CA GLU A 192 10.22 -20.74 18.48
C GLU A 192 10.18 -21.48 19.82
N LEU A 193 11.21 -22.28 20.09
CA LEU A 193 11.24 -23.11 21.29
C LEU A 193 12.52 -22.84 22.07
N VAL A 194 12.38 -22.57 23.37
CA VAL A 194 13.50 -22.26 24.25
C VAL A 194 13.13 -22.62 25.68
N ARG A 195 13.98 -23.39 26.34
CA ARG A 195 13.77 -23.68 27.75
C ARG A 195 13.80 -22.37 28.53
N PRO A 196 12.85 -22.14 29.43
CA PRO A 196 12.86 -20.87 30.18
C PRO A 196 14.19 -20.57 30.85
N GLU A 197 14.89 -21.57 31.40
CA GLU A 197 16.21 -21.30 31.99
C GLU A 197 17.22 -20.88 30.93
N ALA A 198 17.12 -21.41 29.70
CA ALA A 198 18.08 -21.01 28.67
C ALA A 198 17.85 -19.58 28.22
N LEU A 199 16.58 -19.17 28.22
CA LEU A 199 16.26 -17.80 27.81
C LEU A 199 16.84 -16.78 28.79
N VAL A 200 16.73 -17.02 30.11
CA VAL A 200 17.36 -16.08 31.06
C VAL A 200 18.86 -15.97 30.78
N ALA A 201 19.53 -17.11 30.56
CA ALA A 201 20.97 -17.07 30.32
C ALA A 201 21.30 -16.38 29.00
N ILE A 202 20.52 -16.67 27.95
CA ILE A 202 20.71 -15.99 26.67
C ILE A 202 20.59 -14.48 26.85
N LYS A 203 19.51 -14.06 27.53
CA LYS A 203 19.28 -12.62 27.66
C LYS A 203 20.37 -11.96 28.50
N GLU A 204 20.88 -12.66 29.52
CA GLU A 204 22.00 -12.14 30.30
C GLU A 204 23.19 -11.85 29.40
N ARG A 205 23.54 -12.81 28.53
CA ARG A 205 24.69 -12.60 27.67
C ARG A 205 24.43 -11.47 26.67
N ALA A 206 23.23 -11.43 26.07
CA ALA A 206 22.90 -10.32 25.17
C ALA A 206 23.10 -8.98 25.86
N LYS A 207 22.69 -8.87 27.12
CA LYS A 207 22.78 -7.62 27.85
C LYS A 207 24.24 -7.20 28.03
N GLU A 208 25.13 -8.17 28.27
CA GLU A 208 26.53 -7.86 28.55
C GLU A 208 27.30 -7.41 27.31
N ILE A 209 26.89 -7.79 26.11
CA ILE A 209 27.60 -7.34 24.91
C ILE A 209 26.81 -6.30 24.13
N LYS A 210 25.68 -5.84 24.66
CA LYS A 210 24.90 -4.80 24.00
C LYS A 210 25.79 -3.62 23.62
N ALA A 211 25.65 -3.12 22.41
CA ALA A 211 26.48 -2.00 21.97
C ALA A 211 26.08 -0.70 22.67
N ASP A 212 27.04 0.21 22.81
CA ASP A 212 26.79 1.56 23.32
C ASP A 212 26.66 2.47 22.11
N LEU A 213 25.46 3.02 21.88
CA LEU A 213 25.16 3.73 20.64
C LEU A 213 25.24 5.24 20.78
N GLN A 214 25.77 5.74 21.91
CA GLN A 214 25.81 7.18 22.17
C GLN A 214 26.44 7.95 21.01
N TRP A 215 27.45 7.36 20.36
CA TRP A 215 28.11 8.07 19.28
C TRP A 215 27.18 8.28 18.09
N MET A 216 26.25 7.34 17.85
CA MET A 216 25.29 7.52 16.78
C MET A 216 24.25 8.56 17.15
N VAL A 217 23.77 8.55 18.40
CA VAL A 217 22.85 9.59 18.84
C VAL A 217 23.50 10.95 18.76
N ASP A 218 24.74 11.07 19.23
CA ASP A 218 25.44 12.35 19.22
C ASP A 218 25.66 12.84 17.79
N GLY A 219 26.03 11.93 16.88
CA GLY A 219 26.21 12.28 15.47
C GLY A 219 24.92 12.58 14.73
N LYS A 220 23.76 12.19 15.29
CA LYS A 220 22.45 12.53 14.74
C LYS A 220 22.14 11.83 13.42
N TYR A 221 22.97 12.02 12.39
CA TYR A 221 22.67 11.33 11.13
C TYR A 221 23.96 10.96 10.39
N GLY A 222 23.83 9.94 9.54
CA GLY A 222 24.89 9.53 8.64
C GLY A 222 24.37 9.35 7.22
N LEU A 223 25.28 8.96 6.33
CA LEU A 223 24.97 8.81 4.92
C LEU A 223 25.02 7.33 4.55
N PHE A 224 23.91 6.83 4.01
CA PHE A 224 23.88 5.52 3.36
C PHE A 224 24.37 5.70 1.93
N VAL A 225 25.37 4.92 1.50
CA VAL A 225 25.81 5.04 0.10
C VAL A 225 25.82 3.67 -0.56
N HIS A 226 25.03 3.56 -1.62
CA HIS A 226 24.86 2.33 -2.35
C HIS A 226 25.91 2.32 -3.46
N PHE A 227 26.95 1.51 -3.26
CA PHE A 227 27.91 1.11 -4.29
C PHE A 227 27.36 -0.17 -4.93
N SER A 228 26.38 0.00 -5.80
CA SER A 228 25.47 -1.08 -6.19
C SER A 228 25.91 -1.76 -7.49
N SER A 229 25.94 -3.10 -7.47
CA SER A 229 26.38 -3.86 -8.64
C SER A 229 25.49 -3.64 -9.85
N SER A 230 24.22 -3.29 -9.66
CA SER A 230 23.36 -3.01 -10.82
C SER A 230 23.59 -1.63 -11.43
N SER A 231 24.34 -0.74 -10.78
CA SER A 231 24.38 0.67 -11.19
C SER A 231 25.34 0.91 -12.36
N VAL A 232 24.86 1.67 -13.35
CA VAL A 232 25.67 2.08 -14.51
C VAL A 232 26.40 3.39 -14.21
N PRO A 233 27.67 3.52 -14.62
CA PRO A 233 28.42 4.75 -14.35
C PRO A 233 27.85 5.98 -15.05
N PHE A 234 28.07 7.13 -14.43
CA PHE A 234 27.75 8.41 -15.07
C PHE A 234 28.29 8.45 -16.50
N GLU A 235 29.53 8.02 -16.69
CA GLU A 235 30.11 8.10 -18.04
C GLU A 235 29.66 6.96 -18.96
N GLY A 236 28.67 6.17 -18.53
CA GLY A 236 28.17 5.08 -19.35
C GLY A 236 28.98 3.80 -19.21
N GLY A 237 28.67 2.85 -20.07
CA GLY A 237 29.42 1.60 -20.10
C GLY A 237 28.82 0.50 -19.24
N LEU A 238 29.69 -0.35 -18.68
CA LEU A 238 29.25 -1.57 -17.99
C LEU A 238 28.76 -1.26 -16.60
N LYS A 239 27.72 -1.99 -16.16
CA LYS A 239 27.27 -1.85 -14.78
C LYS A 239 28.40 -2.20 -13.83
N LEU A 240 28.34 -1.65 -12.61
CA LEU A 240 29.41 -1.85 -11.65
C LEU A 240 29.74 -3.34 -11.48
N GLY A 241 28.71 -4.20 -11.48
CA GLY A 241 28.93 -5.62 -11.30
C GLY A 241 29.82 -6.27 -12.34
N ASP A 242 29.84 -5.74 -13.56
CA ASP A 242 30.62 -6.32 -14.64
C ASP A 242 31.99 -5.68 -14.80
N GLN A 243 32.30 -4.64 -14.03
CA GLN A 243 33.63 -4.05 -14.07
C GLN A 243 33.98 -3.58 -12.66
N TYR A 244 33.78 -4.45 -11.67
CA TYR A 244 33.85 -4.07 -10.28
C TYR A 244 35.25 -3.65 -9.87
N GLN A 245 36.24 -4.51 -10.11
CA GLN A 245 37.61 -4.18 -9.72
C GLN A 245 38.09 -2.89 -10.36
N LYS A 246 37.77 -2.68 -11.65
CA LYS A 246 38.22 -1.47 -12.35
C LYS A 246 37.68 -0.23 -11.65
N LEU A 247 36.38 -0.22 -11.33
CA LEU A 247 35.78 0.95 -10.70
C LEU A 247 36.25 1.13 -9.26
N VAL A 248 36.59 0.03 -8.58
CA VAL A 248 37.18 0.15 -7.26
C VAL A 248 38.57 0.77 -7.36
N LYS A 249 39.36 0.35 -8.34
CA LYS A 249 40.71 0.86 -8.51
C LYS A 249 40.70 2.35 -8.84
N ASP A 250 39.63 2.86 -9.45
CA ASP A 250 39.56 4.24 -9.88
C ASP A 250 38.70 5.10 -8.95
N PHE A 251 38.18 4.52 -7.89
CA PHE A 251 37.37 5.26 -6.92
C PHE A 251 38.19 6.36 -6.29
N ASP A 252 37.73 7.61 -6.41
CA ASP A 252 38.48 8.74 -5.89
C ASP A 252 38.00 9.05 -4.47
N VAL A 253 38.74 8.58 -3.47
CA VAL A 253 38.28 8.70 -2.09
C VAL A 253 38.17 10.16 -1.68
N ASP A 254 39.17 10.99 -2.04
CA ASP A 254 39.16 12.39 -1.61
C ASP A 254 37.94 13.14 -2.13
N VAL A 255 37.51 12.82 -3.36
CA VAL A 255 36.29 13.43 -3.91
C VAL A 255 35.08 12.99 -3.11
N PHE A 256 35.03 11.71 -2.76
CA PHE A 256 33.91 11.18 -1.98
C PHE A 256 33.84 11.79 -0.58
N VAL A 257 34.98 11.88 0.10
CA VAL A 257 34.97 12.36 1.49
C VAL A 257 34.53 13.81 1.56
N GLU A 258 34.96 14.65 0.61
CA GLU A 258 34.59 16.06 0.64
C GLU A 258 33.08 16.24 0.55
N LYS A 259 32.39 15.43 -0.24
CA LYS A 259 30.93 15.56 -0.29
C LYS A 259 30.29 15.08 1.01
N VAL A 260 30.76 13.95 1.55
CA VAL A 260 30.26 13.48 2.84
C VAL A 260 30.47 14.55 3.91
N LEU A 261 31.67 15.14 3.93
CA LEU A 261 31.99 16.17 4.90
C LEU A 261 31.08 17.39 4.72
N GLU A 262 30.80 17.76 3.47
CA GLU A 262 30.01 18.95 3.19
C GLU A 262 28.59 18.82 3.72
N ILE A 263 28.01 17.62 3.70
CA ILE A 263 26.64 17.47 4.16
C ILE A 263 26.55 17.20 5.66
N GLY A 264 27.68 17.15 6.36
CA GLY A 264 27.65 17.00 7.80
C GLY A 264 27.37 15.61 8.31
N ALA A 265 27.49 14.58 7.47
CA ALA A 265 27.30 13.20 7.92
C ALA A 265 28.30 12.81 9.00
N SER A 266 27.81 12.14 10.05
CA SER A 266 28.69 11.62 11.10
C SER A 266 29.18 10.21 10.82
N TRP A 267 28.53 9.47 9.93
CA TRP A 267 29.01 8.15 9.56
C TRP A 267 28.57 7.87 8.15
N VAL A 268 29.14 6.81 7.59
CA VAL A 268 28.79 6.30 6.29
C VAL A 268 28.51 4.81 6.46
N THR A 269 27.37 4.36 5.95
CA THR A 269 27.08 2.94 5.77
C THR A 269 27.32 2.61 4.32
N PHE A 270 28.34 1.82 4.05
CA PHE A 270 28.79 1.58 2.68
C PHE A 270 28.46 0.16 2.27
N THR A 271 27.95 0.03 1.06
CA THR A 271 27.26 -1.15 0.58
C THR A 271 28.26 -2.15 -0.02
N CYS A 272 28.53 -3.23 0.69
CA CYS A 272 29.34 -4.31 0.14
C CYS A 272 28.38 -5.37 -0.37
N ALA A 273 28.71 -5.97 -1.52
CA ALA A 273 27.97 -7.11 -2.03
C ALA A 273 26.50 -6.77 -2.25
N HIS A 274 26.23 -5.66 -2.95
CA HIS A 274 24.85 -5.25 -3.22
C HIS A 274 24.50 -5.68 -4.64
N GLY A 275 23.89 -6.86 -4.75
CA GLY A 275 23.48 -7.41 -6.04
C GLY A 275 24.35 -8.55 -6.52
N THR A 276 25.63 -8.51 -6.21
CA THR A 276 26.54 -9.64 -6.41
C THR A 276 27.34 -9.78 -5.13
N GLN A 277 28.19 -10.80 -5.06
CA GLN A 277 29.06 -10.97 -3.90
C GLN A 277 30.40 -10.26 -4.04
N HIS A 278 30.49 -9.27 -4.92
CA HIS A 278 31.73 -8.51 -5.03
C HIS A 278 32.04 -7.74 -3.76
N TRP A 279 33.31 -7.73 -3.37
CA TRP A 279 33.76 -7.22 -2.09
C TRP A 279 34.89 -6.21 -2.31
N PRO A 280 34.76 -4.97 -1.86
CA PRO A 280 35.75 -3.93 -2.23
C PRO A 280 36.98 -3.93 -1.33
N GLY A 281 37.69 -5.05 -1.31
CA GLY A 281 38.96 -5.15 -0.62
C GLY A 281 39.36 -6.62 -0.53
N PRO A 282 40.43 -6.90 0.21
CA PRO A 282 40.89 -8.30 0.30
C PRO A 282 40.01 -9.10 1.26
N SER A 283 39.94 -10.40 0.98
CA SER A 283 39.18 -11.33 1.81
C SER A 283 39.72 -12.71 1.55
N LYS A 284 40.42 -13.30 2.54
CA LYS A 284 40.79 -14.70 2.42
C LYS A 284 39.57 -15.60 2.45
N THR A 285 38.54 -15.23 3.22
CA THR A 285 37.35 -16.06 3.32
C THR A 285 36.64 -16.17 1.97
N ILE A 286 36.39 -15.04 1.30
CA ILE A 286 35.70 -15.08 0.02
C ILE A 286 36.56 -15.81 -1.01
N ASP A 287 37.83 -15.41 -1.13
CA ASP A 287 38.71 -16.00 -2.12
C ASP A 287 38.82 -17.51 -1.99
N SER A 288 38.72 -18.04 -0.77
CA SER A 288 38.83 -19.49 -0.62
C SER A 288 37.58 -20.22 -1.05
N ILE A 289 36.46 -19.50 -1.20
CA ILE A 289 35.28 -20.09 -1.82
C ILE A 289 35.40 -20.03 -3.33
N LYS A 290 35.71 -18.85 -3.87
CA LYS A 290 35.77 -18.68 -5.31
C LYS A 290 36.48 -17.36 -5.62
N SER A 291 37.36 -17.38 -6.63
CA SER A 291 38.09 -16.19 -7.03
C SER A 291 37.21 -15.24 -7.87
N GLY A 292 37.69 -14.01 -8.00
CA GLY A 292 37.11 -13.02 -8.86
C GLY A 292 36.23 -11.99 -8.18
N PHE A 293 35.97 -12.14 -6.86
CA PHE A 293 35.06 -11.24 -6.17
C PHE A 293 35.75 -10.16 -5.36
N THR A 294 37.03 -10.32 -5.08
CA THR A 294 37.76 -9.42 -4.18
C THR A 294 38.61 -8.46 -5.02
N CYS A 295 39.17 -7.45 -4.36
CA CYS A 295 40.01 -6.47 -5.04
C CYS A 295 41.38 -6.39 -4.38
N GLU A 296 42.42 -6.19 -5.19
CA GLU A 296 43.74 -5.89 -4.64
C GLU A 296 43.70 -4.61 -3.81
N ARG A 297 43.02 -3.57 -4.29
CA ARG A 297 42.92 -2.34 -3.54
C ARG A 297 42.00 -2.50 -2.34
N ASP A 298 42.51 -2.18 -1.15
CA ASP A 298 41.73 -2.21 0.09
C ASP A 298 40.98 -0.89 0.22
N LEU A 299 39.86 -0.79 -0.51
CA LEU A 299 39.08 0.44 -0.53
C LEU A 299 38.44 0.73 0.81
N ILE A 300 38.05 -0.32 1.54
CA ILE A 300 37.49 -0.12 2.88
C ILE A 300 38.50 0.59 3.77
N ARG A 301 39.75 0.15 3.74
CA ARG A 301 40.78 0.80 4.54
C ARG A 301 40.97 2.26 4.11
N GLU A 302 40.96 2.53 2.80
CA GLU A 302 41.13 3.91 2.36
C GLU A 302 39.93 4.76 2.74
N LEU A 303 38.72 4.19 2.69
CA LEU A 303 37.55 4.93 3.14
C LEU A 303 37.61 5.19 4.65
N ILE A 304 38.12 4.22 5.42
CA ILE A 304 38.27 4.45 6.86
C ILE A 304 39.20 5.62 7.11
N ASP A 305 40.39 5.59 6.50
CA ASP A 305 41.38 6.63 6.76
C ASP A 305 40.90 7.98 6.24
N GLY A 306 40.32 8.01 5.04
CA GLY A 306 39.82 9.26 4.49
C GLY A 306 38.72 9.87 5.34
N LEU A 307 37.72 9.04 5.70
CA LEU A 307 36.68 9.53 6.58
C LEU A 307 37.19 9.80 7.99
N GLY A 308 38.16 9.00 8.44
CA GLY A 308 38.70 9.18 9.78
C GLY A 308 39.34 10.54 10.00
N LYS A 309 39.89 11.15 8.94
CA LYS A 309 40.54 12.46 9.10
C LYS A 309 39.58 13.51 9.65
N HIS A 310 38.26 13.27 9.54
CA HIS A 310 37.25 14.16 10.06
C HIS A 310 36.38 13.49 11.11
N ASN A 311 36.87 12.38 11.68
CA ASN A 311 36.15 11.65 12.70
C ASN A 311 34.80 11.12 12.20
N ILE A 312 34.66 10.92 10.90
CA ILE A 312 33.48 10.27 10.36
C ILE A 312 33.72 8.76 10.39
N ARG A 313 32.75 8.01 10.90
CA ARG A 313 32.89 6.57 11.02
C ARG A 313 32.29 5.83 9.83
N LEU A 314 32.77 4.60 9.63
CA LEU A 314 32.34 3.73 8.54
C LEU A 314 31.65 2.49 9.11
N MET A 315 30.47 2.19 8.60
CA MET A 315 29.84 0.89 8.79
C MET A 315 29.60 0.26 7.43
N LEU A 316 29.45 -1.05 7.42
CA LEU A 316 29.31 -1.80 6.18
C LEU A 316 27.90 -2.36 6.08
N TYR A 317 27.29 -2.16 4.92
CA TYR A 317 26.16 -2.99 4.53
C TYR A 317 26.73 -4.26 3.93
N TYR A 318 26.04 -5.38 4.14
CA TYR A 318 26.39 -6.63 3.47
C TYR A 318 25.12 -7.43 3.20
N ASN A 319 25.06 -8.02 2.03
CA ASN A 319 23.89 -8.80 1.63
C ASN A 319 24.27 -10.27 1.54
N PRO A 320 23.81 -11.13 2.45
CA PRO A 320 24.26 -12.52 2.44
C PRO A 320 23.59 -13.42 1.40
N ASN A 321 22.71 -12.89 0.55
CA ASN A 321 22.03 -13.78 -0.40
C ASN A 321 22.23 -13.35 -1.85
N SER A 322 22.28 -12.06 -2.15
CA SER A 322 22.30 -11.60 -3.53
C SER A 322 23.58 -12.05 -4.23
N GLY A 323 23.42 -12.84 -5.30
CA GLY A 323 24.56 -13.42 -5.98
C GLY A 323 25.25 -14.53 -5.23
N MET A 324 24.72 -14.94 -4.08
CA MET A 324 25.36 -16.00 -3.31
C MET A 324 25.46 -17.30 -4.10
N GLU A 325 24.52 -17.53 -5.03
CA GLU A 325 24.54 -18.78 -5.78
C GLU A 325 25.75 -18.86 -6.70
N ASP A 326 26.38 -17.72 -7.00
CA ASP A 326 27.61 -17.70 -7.78
C ASP A 326 28.87 -17.68 -6.93
N LEU A 327 28.74 -17.50 -5.63
CA LEU A 327 29.87 -17.60 -4.72
C LEU A 327 29.83 -18.97 -4.06
N TYR A 328 29.06 -19.10 -2.98
CA TYR A 328 28.99 -20.36 -2.25
C TYR A 328 28.12 -21.40 -2.94
N GLY A 329 27.07 -20.98 -3.64
CA GLY A 329 26.12 -21.93 -4.19
C GLY A 329 24.85 -21.89 -3.36
N ASN A 330 24.08 -23.00 -3.33
CA ASN A 330 22.91 -23.09 -2.47
C ASN A 330 23.30 -22.96 -1.02
N THR A 331 22.50 -22.21 -0.26
CA THR A 331 22.77 -22.08 1.18
C THR A 331 22.71 -23.43 1.89
N TYR A 332 21.83 -24.33 1.46
CA TYR A 332 21.72 -25.65 2.04
C TYR A 332 22.64 -26.66 1.36
N GLY A 333 23.55 -26.21 0.50
CA GLY A 333 24.55 -27.08 -0.07
C GLY A 333 24.05 -27.85 -1.28
N ASN A 334 24.80 -28.90 -1.61
CA ASN A 334 24.43 -29.82 -2.66
C ASN A 334 24.10 -31.16 -2.04
N GLY A 335 24.09 -32.21 -2.84
CA GLY A 335 23.71 -33.46 -2.25
C GLY A 335 22.27 -33.52 -1.76
N ASP A 336 21.85 -34.72 -1.36
CA ASP A 336 20.45 -35.07 -1.28
C ASP A 336 19.73 -34.45 -0.08
N GLN A 337 20.46 -34.22 1.04
CA GLN A 337 19.79 -33.69 2.23
C GLN A 337 20.30 -32.30 2.56
N PRO A 338 19.43 -31.41 3.02
CA PRO A 338 19.84 -30.03 3.26
C PRO A 338 20.82 -29.92 4.43
N ASP A 339 21.85 -29.08 4.27
CA ASP A 339 22.85 -28.87 5.32
C ASP A 339 23.41 -27.46 5.26
N PRO A 340 23.06 -26.58 6.21
CA PRO A 340 23.52 -25.18 6.12
C PRO A 340 24.83 -24.88 6.81
N SER A 341 25.54 -25.87 7.36
CA SER A 341 26.72 -25.54 8.18
C SER A 341 27.83 -24.90 7.34
N GLY A 342 28.06 -25.39 6.12
CA GLY A 342 29.05 -24.75 5.26
C GLY A 342 28.75 -23.27 5.05
N TYR A 343 27.49 -22.95 4.80
CA TYR A 343 27.12 -21.56 4.59
C TYR A 343 27.23 -20.74 5.88
N PHE A 344 26.70 -21.27 6.98
CA PHE A 344 26.89 -20.64 8.28
C PHE A 344 28.37 -20.39 8.59
N ASN A 345 29.23 -21.37 8.34
CA ASN A 345 30.64 -21.18 8.65
C ASN A 345 31.26 -20.11 7.77
N PHE A 346 30.81 -20.01 6.51
CA PHE A 346 31.28 -18.93 5.65
C PHE A 346 30.91 -17.58 6.23
N LEU A 347 29.64 -17.38 6.57
CA LEU A 347 29.22 -16.10 7.11
C LEU A 347 29.99 -15.76 8.38
N GLU A 348 30.14 -16.73 9.27
CA GLU A 348 30.84 -16.46 10.52
C GLU A 348 32.31 -16.12 10.26
N ALA A 349 32.98 -16.92 9.42
CA ALA A 349 34.40 -16.64 9.15
C ALA A 349 34.58 -15.31 8.42
N HIS A 350 33.61 -14.95 7.58
CA HIS A 350 33.67 -13.68 6.86
C HIS A 350 33.51 -12.50 7.83
N PHE A 351 32.45 -12.48 8.63
CA PHE A 351 32.30 -11.46 9.65
C PHE A 351 33.54 -11.35 10.53
N ARG A 352 34.07 -12.50 10.96
CA ARG A 352 35.22 -12.48 11.86
C ARG A 352 36.44 -11.89 11.18
N GLU A 353 36.74 -12.31 9.96
CA GLU A 353 37.93 -11.79 9.28
C GLU A 353 37.84 -10.29 9.07
N VAL A 354 36.66 -9.80 8.67
CA VAL A 354 36.50 -8.38 8.43
C VAL A 354 36.64 -7.62 9.74
N SER A 355 35.98 -8.11 10.78
CA SER A 355 36.02 -7.42 12.06
C SER A 355 37.44 -7.35 12.62
N LEU A 356 38.24 -8.41 12.45
CA LEU A 356 39.60 -8.37 12.97
C LEU A 356 40.54 -7.63 12.02
N ARG A 357 40.28 -7.67 10.72
CA ARG A 357 41.13 -6.97 9.76
C ARG A 357 41.21 -5.48 10.08
N TYR A 358 40.06 -4.85 10.36
CA TYR A 358 40.02 -3.42 10.57
C TYR A 358 39.93 -3.01 12.04
N GLY A 359 39.56 -3.94 12.93
CA GLY A 359 39.54 -3.66 14.35
C GLY A 359 38.63 -2.51 14.67
N LYS A 360 39.09 -1.64 15.57
CA LYS A 360 38.28 -0.52 16.03
C LYS A 360 38.17 0.59 15.00
N ASP A 361 39.03 0.58 13.96
CA ASP A 361 38.95 1.58 12.90
C ASP A 361 37.65 1.49 12.11
N LEU A 362 37.00 0.33 12.14
CA LEU A 362 35.74 0.10 11.44
C LEU A 362 34.63 0.05 12.47
N ALA A 363 33.65 0.95 12.36
CA ALA A 363 32.62 1.02 13.38
C ALA A 363 31.81 -0.28 13.42
N SER A 364 31.53 -0.89 12.26
CA SER A 364 30.82 -2.15 12.26
C SER A 364 30.94 -2.82 10.90
N THR A 365 31.23 -4.12 10.90
CA THR A 365 31.12 -4.87 9.67
C THR A 365 29.68 -5.30 9.39
N ALA A 366 28.72 -4.81 10.13
CA ALA A 366 27.36 -5.28 9.97
C ALA A 366 26.37 -4.21 10.42
N GLY A 367 26.54 -2.97 9.93
CA GLY A 367 25.54 -1.95 10.16
C GLY A 367 24.21 -2.26 9.52
N TYR A 368 24.22 -2.98 8.39
CA TYR A 368 22.97 -3.30 7.71
C TYR A 368 23.17 -4.63 6.98
N ILE A 369 22.62 -5.70 7.53
CA ILE A 369 22.71 -7.02 6.93
C ILE A 369 21.34 -7.29 6.30
N ASP A 370 21.29 -7.30 4.97
CA ASP A 370 20.01 -7.22 4.26
C ASP A 370 19.18 -8.49 4.45
N ASP A 371 17.86 -8.31 4.57
CA ASP A 371 16.90 -9.41 4.59
C ASP A 371 17.24 -10.46 5.64
N GLY A 372 17.64 -9.99 6.83
CA GLY A 372 17.73 -10.89 7.96
C GLY A 372 16.41 -11.56 8.28
N GLY A 373 15.30 -10.82 8.13
CA GLY A 373 13.99 -11.38 8.37
C GLY A 373 13.48 -12.24 7.22
N TRP A 374 13.43 -11.70 5.99
CA TRP A 374 12.82 -12.45 4.90
C TRP A 374 13.59 -13.71 4.56
N LYS A 375 14.92 -13.68 4.66
CA LYS A 375 15.73 -14.77 4.13
C LYS A 375 16.57 -15.45 5.20
N VAL A 376 17.36 -14.69 5.98
CA VAL A 376 18.30 -15.32 6.89
C VAL A 376 17.56 -16.10 7.99
N TYR A 377 16.51 -15.49 8.55
CA TYR A 377 15.76 -16.14 9.62
C TYR A 377 15.27 -17.52 9.21
N GLN A 378 14.98 -17.73 7.91
CA GLN A 378 14.36 -18.99 7.48
C GLN A 378 15.34 -20.15 7.53
N LEU A 379 16.62 -19.92 7.83
CA LEU A 379 17.58 -20.99 7.94
C LEU A 379 17.85 -21.39 9.38
N ASP A 380 17.15 -20.80 10.36
CA ASP A 380 17.38 -21.06 11.78
C ASP A 380 18.86 -20.86 12.11
N PRO A 381 19.39 -19.67 11.86
CA PRO A 381 20.85 -19.49 11.87
C PRO A 381 21.38 -19.30 13.29
N PRO A 382 22.68 -19.43 13.49
CA PRO A 382 23.28 -19.17 14.82
C PRO A 382 23.60 -17.69 15.04
N TRP A 383 22.54 -16.91 15.32
CA TRP A 383 22.70 -15.45 15.44
C TRP A 383 23.85 -15.07 16.37
N GLU A 384 24.01 -15.78 17.50
CA GLU A 384 25.02 -15.38 18.48
C GLU A 384 26.44 -15.54 17.93
N LYS A 385 26.71 -16.62 17.20
CA LYS A 385 28.04 -16.78 16.61
C LYS A 385 28.34 -15.65 15.63
N PHE A 386 27.34 -15.26 14.81
CA PHE A 386 27.52 -14.14 13.90
C PHE A 386 27.85 -12.87 14.67
N VAL A 387 27.09 -12.60 15.73
CA VAL A 387 27.29 -11.39 16.52
C VAL A 387 28.67 -11.38 17.15
N LYS A 388 29.12 -12.53 17.66
CA LYS A 388 30.46 -12.54 18.26
C LYS A 388 31.53 -12.30 17.19
N ALA A 389 31.31 -12.83 15.98
CA ALA A 389 32.23 -12.54 14.87
C ALA A 389 32.23 -11.05 14.55
N ILE A 390 31.04 -10.46 14.45
CA ILE A 390 30.92 -9.04 14.13
C ILE A 390 31.69 -8.19 15.13
N LYS A 391 31.68 -8.57 16.40
CA LYS A 391 32.30 -7.77 17.43
C LYS A 391 33.73 -8.20 17.76
N ALA A 392 34.26 -9.23 17.09
CA ALA A 392 35.57 -9.77 17.47
C ALA A 392 36.67 -8.71 17.40
N GLY A 393 36.61 -7.81 16.41
CA GLY A 393 37.64 -6.81 16.28
C GLY A 393 37.25 -5.49 16.92
N ASN A 394 35.96 -5.30 17.21
CA ASN A 394 35.45 -4.05 17.76
C ASN A 394 34.32 -4.41 18.71
N PRO A 395 34.60 -4.52 20.01
CA PRO A 395 33.58 -5.06 20.93
C PRO A 395 32.34 -4.19 21.05
N ASN A 396 32.39 -2.94 20.62
CA ASN A 396 31.22 -2.07 20.65
C ASN A 396 30.55 -1.93 19.27
N ALA A 397 30.97 -2.71 18.28
CA ALA A 397 30.40 -2.62 16.95
C ALA A 397 28.90 -2.88 16.98
N PRO A 398 28.06 -1.94 16.53
CA PRO A 398 26.62 -2.19 16.51
C PRO A 398 26.25 -3.24 15.47
N VAL A 399 25.32 -4.12 15.85
CA VAL A 399 24.81 -5.15 14.96
C VAL A 399 23.46 -4.68 14.42
N GLY A 400 23.37 -4.56 13.10
CA GLY A 400 22.15 -4.11 12.48
C GLY A 400 21.65 -5.10 11.44
N PHE A 401 21.03 -6.20 11.88
CA PHE A 401 20.38 -7.10 10.95
C PHE A 401 19.08 -6.47 10.49
N SER A 402 18.88 -6.40 9.18
CA SER A 402 17.58 -5.91 8.72
C SER A 402 16.51 -6.94 9.07
N GLN A 403 15.55 -6.52 9.89
CA GLN A 403 14.47 -7.37 10.33
C GLN A 403 13.23 -7.21 9.47
N ASN A 404 13.26 -6.35 8.46
CA ASN A 404 12.13 -6.22 7.51
C ASN A 404 10.87 -5.89 8.33
N LEU A 405 9.72 -6.54 8.08
CA LEU A 405 8.53 -6.23 8.85
C LEU A 405 8.36 -7.12 10.08
N PHE A 406 9.44 -7.78 10.52
CA PHE A 406 9.43 -8.73 11.62
C PHE A 406 9.85 -8.12 12.94
N PRO A 407 9.47 -8.75 14.08
CA PRO A 407 9.94 -8.27 15.39
C PRO A 407 11.42 -8.59 15.57
N ASN A 408 11.98 -8.29 16.74
CA ASN A 408 13.41 -8.45 16.94
C ASN A 408 13.85 -9.88 16.54
N LEU A 409 14.88 -9.96 15.71
CA LEU A 409 15.25 -11.28 15.18
C LEU A 409 16.01 -12.10 16.20
N THR A 410 16.74 -11.46 17.10
CA THR A 410 17.57 -12.16 18.07
C THR A 410 17.85 -11.22 19.23
N PRO A 411 17.93 -11.71 20.46
CA PRO A 411 18.30 -10.83 21.59
C PRO A 411 19.64 -10.15 21.40
N PHE A 412 20.50 -10.66 20.52
CA PHE A 412 21.81 -10.06 20.30
C PHE A 412 21.81 -8.95 19.27
N SER A 413 20.64 -8.46 18.85
CA SER A 413 20.57 -7.28 18.00
C SER A 413 20.91 -6.00 18.80
N ASP A 414 21.33 -4.96 18.08
CA ASP A 414 21.48 -3.62 18.65
C ASP A 414 20.51 -2.61 18.06
N LEU A 415 20.40 -2.53 16.72
CA LEU A 415 19.64 -1.51 16.05
C LEU A 415 18.35 -2.08 15.46
N VAL A 416 17.28 -1.30 15.53
CA VAL A 416 16.15 -1.52 14.63
C VAL A 416 16.59 -1.22 13.21
N VAL A 417 16.38 -2.15 12.30
CA VAL A 417 16.78 -1.96 10.91
C VAL A 417 15.70 -2.49 10.00
N SER A 418 15.29 -1.68 9.01
CA SER A 418 14.47 -2.15 7.90
C SER A 418 14.47 -1.06 6.82
N ASP A 419 13.91 -1.40 5.66
CA ASP A 419 13.98 -0.54 4.48
C ASP A 419 12.86 0.50 4.56
N GLY A 420 13.21 1.76 4.84
CA GLY A 420 12.21 2.79 4.90
C GLY A 420 11.74 3.35 3.57
N SER A 421 12.25 2.82 2.46
CA SER A 421 12.03 3.41 1.14
C SER A 421 12.36 4.89 1.16
N GLY A 422 11.54 5.69 0.49
CA GLY A 422 11.71 7.13 0.54
C GLY A 422 10.61 7.81 1.33
N ARG A 423 9.92 7.05 2.18
CA ARG A 423 8.83 7.57 2.98
C ARG A 423 9.37 8.37 4.17
N VAL A 424 8.50 9.20 4.73
CA VAL A 424 8.75 9.82 6.04
C VAL A 424 9.08 8.74 7.06
N PRO A 425 10.16 8.85 7.82
CA PRO A 425 10.45 7.83 8.85
C PRO A 425 9.32 7.67 9.85
N GLU A 426 8.92 6.42 10.05
CA GLU A 426 8.04 6.02 11.15
C GLU A 426 8.72 6.21 12.48
N ILE A 427 7.91 6.54 13.49
CA ILE A 427 8.36 6.66 14.87
C ILE A 427 7.65 5.57 15.67
N GLN A 428 8.38 4.53 15.99
CA GLN A 428 7.78 3.40 16.68
C GLN A 428 7.49 3.76 18.13
N PRO A 429 6.30 3.43 18.66
CA PRO A 429 5.93 3.85 20.01
C PRO A 429 6.74 3.14 21.09
N ALA A 430 6.89 3.82 22.21
CA ALA A 430 7.92 3.46 23.19
C ALA A 430 7.68 2.08 23.78
N PHE A 431 6.43 1.66 23.97
CA PHE A 431 6.20 0.39 24.63
C PHE A 431 6.73 -0.80 23.83
N LEU A 432 6.95 -0.64 22.52
CA LEU A 432 7.56 -1.71 21.75
C LEU A 432 8.91 -2.13 22.33
N PHE A 433 9.60 -1.20 23.00
CA PHE A 433 10.95 -1.43 23.49
C PHE A 433 11.00 -1.84 24.96
N GLU A 434 9.88 -1.79 25.67
CA GLU A 434 9.86 -2.17 27.06
C GLU A 434 9.93 -3.70 27.20
N LYS A 435 10.06 -4.15 28.44
CA LYS A 435 10.09 -5.59 28.75
C LYS A 435 8.90 -6.29 28.12
N GLY A 436 9.13 -7.50 27.59
CA GLY A 436 8.11 -8.21 26.84
C GLY A 436 7.79 -7.65 25.46
N GLY A 437 8.30 -6.46 25.11
CA GLY A 437 7.92 -5.81 23.88
C GLY A 437 8.47 -6.50 22.66
N GLN A 438 7.89 -6.15 21.51
CA GLN A 438 8.28 -6.77 20.25
C GLN A 438 9.72 -6.47 19.90
N LEU A 439 10.21 -5.29 20.31
CA LEU A 439 11.50 -4.78 19.89
C LEU A 439 12.46 -4.67 21.07
N GLU A 440 12.19 -5.39 22.15
CA GLU A 440 12.95 -5.28 23.38
C GLU A 440 14.42 -5.63 23.15
N GLY A 441 15.32 -4.75 23.64
CA GLY A 441 16.74 -4.90 23.39
C GLY A 441 17.25 -4.13 22.20
N GLN A 442 16.36 -3.67 21.32
CA GLN A 442 16.76 -2.89 20.17
C GLN A 442 16.69 -1.39 20.48
N TYR A 443 17.32 -0.59 19.63
CA TYR A 443 17.23 0.86 19.75
C TYR A 443 16.70 1.45 18.45
N PRO A 444 15.76 2.40 18.50
CA PRO A 444 15.16 2.95 17.26
C PRO A 444 16.19 3.60 16.34
N ALA A 445 15.99 3.42 15.03
CA ALA A 445 16.88 3.94 14.01
C ALA A 445 16.14 3.92 12.67
N SER A 446 16.47 4.84 11.78
CA SER A 446 15.76 4.99 10.50
C SER A 446 16.73 4.86 9.33
N TRP A 447 16.28 4.17 8.28
CA TRP A 447 17.11 3.93 7.10
C TRP A 447 16.24 4.15 5.88
N PHE A 448 16.53 5.21 5.11
CA PHE A 448 15.64 5.57 4.01
C PHE A 448 16.43 6.41 3.00
N TYR A 449 15.81 6.65 1.85
CA TYR A 449 16.51 7.37 0.79
C TYR A 449 15.83 8.70 0.51
N MET A 450 16.65 9.66 0.08
CA MET A 450 16.14 10.95 -0.37
C MET A 450 15.59 10.85 -1.79
N ASP A 451 16.36 10.27 -2.70
CA ASP A 451 16.00 10.20 -4.11
C ASP A 451 15.81 8.79 -4.61
N GLY A 452 16.70 7.87 -4.22
CA GLY A 452 16.58 6.46 -4.56
C GLY A 452 17.68 5.71 -3.85
N TRP A 453 17.62 4.38 -3.96
CA TRP A 453 18.68 3.54 -3.41
C TRP A 453 19.85 3.46 -4.38
N SER A 454 19.64 2.82 -5.52
CA SER A 454 20.65 2.69 -6.56
C SER A 454 20.49 3.85 -7.52
N SER A 455 21.61 4.44 -7.92
CA SER A 455 21.56 5.53 -8.88
C SER A 455 21.13 5.00 -10.24
N ARG A 456 20.35 5.80 -10.96
CA ARG A 456 19.84 5.41 -12.27
C ARG A 456 20.17 6.48 -13.30
N VAL A 457 21.42 6.92 -13.29
CA VAL A 457 21.86 7.98 -14.19
C VAL A 457 21.76 7.51 -15.63
N LYS A 458 21.15 8.33 -16.48
CA LYS A 458 21.07 8.03 -17.90
C LYS A 458 21.37 9.30 -18.67
N ASN A 459 22.35 9.24 -19.57
CA ASN A 459 22.72 10.36 -20.43
C ASN A 459 23.16 11.59 -19.62
N GLY A 460 24.03 11.36 -18.65
CA GLY A 460 24.58 12.45 -17.86
C GLY A 460 23.59 13.24 -17.04
N LYS A 461 22.47 12.63 -16.66
CA LYS A 461 21.43 13.33 -15.91
C LYS A 461 20.83 12.38 -14.89
N PHE A 462 20.68 12.85 -13.65
CA PHE A 462 20.08 12.03 -12.60
C PHE A 462 18.58 11.93 -12.84
N THR A 463 18.06 10.71 -12.89
CA THR A 463 16.63 10.51 -13.09
C THR A 463 15.84 10.44 -11.79
N GLN A 464 16.49 10.30 -10.65
CA GLN A 464 15.80 10.17 -9.37
C GLN A 464 15.90 11.48 -8.62
N LYS A 465 14.77 12.19 -8.47
CA LYS A 465 14.78 13.45 -7.76
C LYS A 465 14.42 13.25 -6.30
N PRO A 466 14.80 14.20 -5.42
CA PRO A 466 14.36 14.10 -4.02
C PRO A 466 12.84 14.02 -3.92
N LYS A 467 12.37 13.25 -2.94
CA LYS A 467 10.93 13.02 -2.81
C LYS A 467 10.19 14.26 -2.29
N PHE A 468 10.81 15.01 -1.38
CA PHE A 468 10.13 16.09 -0.65
C PHE A 468 10.89 17.40 -0.74
N SER A 469 10.22 18.49 -0.34
CA SER A 469 10.87 19.78 -0.27
C SER A 469 11.93 19.80 0.83
N ALA A 470 12.84 20.77 0.74
CA ALA A 470 13.89 20.91 1.74
C ALA A 470 13.31 21.11 3.13
N GLU A 471 12.18 21.83 3.22
CA GLU A 471 11.60 22.09 4.53
C GLU A 471 11.08 20.82 5.16
N LYS A 472 10.57 19.89 4.36
CA LYS A 472 10.05 18.66 4.91
C LYS A 472 11.18 17.78 5.44
N TYR A 473 12.29 17.70 4.71
CA TYR A 473 13.43 16.95 5.25
C TYR A 473 13.94 17.59 6.53
N ILE A 474 13.94 18.91 6.61
CA ILE A 474 14.40 19.58 7.84
C ILE A 474 13.54 19.15 9.02
N GLU A 475 12.21 19.15 8.87
CA GLU A 475 11.34 18.64 9.92
C GLU A 475 11.65 17.19 10.26
N ILE A 476 11.92 16.36 9.25
CA ILE A 476 12.21 14.95 9.47
C ILE A 476 13.44 14.79 10.37
N PHE A 477 14.52 15.49 10.04
CA PHE A 477 15.74 15.38 10.80
C PHE A 477 15.62 16.04 12.17
N LYS A 478 14.86 17.14 12.26
CA LYS A 478 14.64 17.77 13.56
C LYS A 478 13.87 16.83 14.48
N LYS A 479 12.87 16.12 13.95
CA LYS A 479 12.14 15.17 14.77
C LYS A 479 13.06 14.02 15.21
N ALA A 480 13.82 13.45 14.29
CA ALA A 480 14.72 12.35 14.66
C ALA A 480 15.69 12.80 15.74
N ASP A 481 16.20 14.03 15.62
CA ASP A 481 17.14 14.55 16.60
C ASP A 481 16.47 14.71 17.97
N GLN A 482 15.26 15.28 18.00
CA GLN A 482 14.62 15.55 19.28
C GLN A 482 14.33 14.27 20.05
N VAL A 483 14.06 13.15 19.37
CA VAL A 483 13.85 11.89 20.07
C VAL A 483 15.08 10.98 20.02
N ASN A 484 16.24 11.50 19.62
CA ASN A 484 17.50 10.77 19.74
C ASN A 484 17.50 9.47 18.94
N MET A 485 16.90 9.52 17.75
CA MET A 485 16.86 8.39 16.85
C MET A 485 17.81 8.65 15.69
N PRO A 486 18.86 7.85 15.51
CA PRO A 486 19.77 8.07 14.39
C PRO A 486 19.08 7.84 13.05
N ILE A 487 19.40 8.69 12.07
CA ILE A 487 18.89 8.55 10.71
C ILE A 487 20.07 8.27 9.80
N THR A 488 19.93 7.30 8.91
CA THR A 488 20.91 7.09 7.85
C THR A 488 20.17 7.27 6.54
N ILE A 489 20.51 8.32 5.81
CA ILE A 489 19.76 8.69 4.61
C ILE A 489 20.61 8.38 3.40
N ASN A 490 20.02 7.71 2.41
CA ASN A 490 20.69 7.38 1.17
C ASN A 490 20.49 8.48 0.13
N LEU A 491 21.59 8.94 -0.47
CA LEU A 491 21.55 9.78 -1.66
C LEU A 491 22.20 9.00 -2.80
N ALA A 492 21.42 8.69 -3.84
CA ALA A 492 21.91 7.86 -4.93
C ALA A 492 23.25 8.37 -5.44
N MET A 493 24.20 7.45 -5.57
CA MET A 493 25.57 7.81 -5.90
C MET A 493 26.02 7.09 -7.16
N THR A 494 26.70 7.82 -8.04
CA THR A 494 27.26 7.22 -9.26
C THR A 494 28.39 6.26 -8.90
N PRO A 495 28.38 5.03 -9.41
CA PRO A 495 29.45 4.08 -9.04
C PRO A 495 30.82 4.50 -9.53
N ASP A 496 30.93 5.38 -10.52
CA ASP A 496 32.21 5.89 -10.97
C ASP A 496 32.48 7.19 -10.21
N VAL A 497 33.19 7.08 -9.09
CA VAL A 497 33.51 8.24 -8.25
C VAL A 497 34.80 8.85 -8.76
N THR A 498 34.69 9.97 -9.47
CA THR A 498 35.85 10.65 -10.01
C THR A 498 35.63 12.14 -9.91
N LYS A 499 36.67 12.89 -10.28
CA LYS A 499 36.58 14.34 -10.33
C LYS A 499 35.69 14.85 -11.45
N GLY A 500 35.43 14.03 -12.47
CA GLY A 500 34.85 14.56 -13.71
C GLY A 500 33.37 14.92 -13.67
N HIS A 501 32.65 14.66 -12.60
CA HIS A 501 31.19 14.81 -12.64
C HIS A 501 30.65 14.70 -11.21
N PRO A 502 29.46 15.25 -10.96
CA PRO A 502 28.87 15.09 -9.63
C PRO A 502 28.59 13.63 -9.36
N ILE A 503 29.05 13.15 -8.21
CA ILE A 503 28.81 11.75 -7.84
C ILE A 503 27.47 11.59 -7.14
N PHE A 504 26.92 12.66 -6.59
CA PHE A 504 25.58 12.70 -6.00
C PHE A 504 24.74 13.69 -6.80
N ASN A 505 23.44 13.59 -6.68
CA ASN A 505 22.55 14.54 -7.34
C ASN A 505 22.70 15.92 -6.69
N PRO A 506 23.07 16.96 -7.46
CA PRO A 506 23.29 18.27 -6.83
C PRO A 506 22.09 18.81 -6.07
N GLU A 507 20.88 18.55 -6.57
CA GLU A 507 19.68 18.96 -5.84
C GLU A 507 19.62 18.28 -4.47
N SER A 508 20.04 17.01 -4.40
CA SER A 508 20.00 16.29 -3.13
C SER A 508 21.04 16.85 -2.16
N ILE A 509 22.25 17.09 -2.65
CA ILE A 509 23.28 17.72 -1.84
C ILE A 509 22.77 19.03 -1.26
N GLU A 510 22.18 19.88 -2.12
CA GLU A 510 21.68 21.18 -1.66
C GLU A 510 20.68 21.03 -0.51
N ILE A 511 19.84 20.00 -0.57
CA ILE A 511 18.88 19.80 0.51
C ILE A 511 19.62 19.44 1.80
N MET A 512 20.56 18.50 1.72
CA MET A 512 21.27 18.08 2.93
C MET A 512 22.10 19.21 3.50
N LYS A 513 22.58 20.15 2.66
CA LYS A 513 23.30 21.29 3.20
C LYS A 513 22.35 22.15 4.03
N LYS A 514 21.10 22.28 3.60
CA LYS A 514 20.12 23.00 4.40
C LYS A 514 19.75 22.21 5.66
N VAL A 515 19.67 20.88 5.56
CA VAL A 515 19.48 20.03 6.74
C VAL A 515 20.62 20.26 7.74
N ARG A 516 21.86 20.22 7.25
CA ARG A 516 22.99 20.43 8.14
C ARG A 516 22.88 21.78 8.86
N LYS A 517 22.59 22.84 8.11
CA LYS A 517 22.47 24.16 8.73
C LYS A 517 21.43 24.15 9.84
N ALA A 518 20.28 23.54 9.60
CA ALA A 518 19.20 23.61 10.58
C ALA A 518 19.42 22.71 11.79
N VAL A 519 20.21 21.65 11.65
CA VAL A 519 20.36 20.65 12.69
C VAL A 519 21.75 20.68 13.33
N LYS A 520 22.80 20.88 12.54
CA LYS A 520 24.16 20.85 13.04
C LYS A 520 24.85 22.20 13.01
N GLY A 521 24.20 23.24 12.49
CA GLY A 521 24.83 24.55 12.39
C GLY A 521 24.61 25.38 13.63
N TYR A 522 25.28 26.54 13.67
CA TYR A 522 25.11 27.43 14.81
C TYR A 522 23.68 27.92 14.85
N LEU A 523 23.03 27.74 16.00
CA LEU A 523 21.61 28.02 16.13
C LEU A 523 21.40 29.16 17.10
N GLU A 524 20.27 29.86 16.96
CA GLU A 524 19.95 31.00 17.82
C GLU A 524 18.47 31.37 17.74
N LYS B 25 -21.84 -19.29 7.57
CA LYS B 25 -20.63 -18.52 7.30
C LYS B 25 -20.96 -17.15 6.70
N ASN B 26 -21.70 -17.14 5.60
CA ASN B 26 -21.90 -15.92 4.82
C ASN B 26 -23.18 -15.24 5.29
N VAL B 27 -23.02 -14.17 6.04
CA VAL B 27 -24.16 -13.48 6.65
C VAL B 27 -24.65 -12.39 5.71
N THR B 28 -25.95 -12.41 5.40
CA THR B 28 -26.59 -11.29 4.73
C THR B 28 -27.82 -10.89 5.53
N HIS B 29 -27.92 -9.60 5.84
CA HIS B 29 -29.19 -9.01 6.22
C HIS B 29 -30.21 -9.26 5.10
N PRO B 30 -31.51 -9.32 5.43
CA PRO B 30 -32.52 -9.55 4.38
C PRO B 30 -32.46 -8.61 3.19
N TYR B 31 -32.00 -7.36 3.36
CA TYR B 31 -31.93 -6.45 2.23
C TYR B 31 -30.82 -6.82 1.26
N TRP B 32 -29.79 -7.51 1.72
CA TRP B 32 -28.69 -7.92 0.87
C TRP B 32 -28.78 -9.38 0.45
N ALA B 33 -29.80 -10.10 0.91
CA ALA B 33 -29.82 -11.55 0.77
C ALA B 33 -30.07 -11.95 -0.68
N PRO B 34 -29.60 -13.12 -1.08
CA PRO B 34 -29.92 -13.62 -2.43
C PRO B 34 -31.42 -13.61 -2.67
N LYS B 35 -31.79 -13.16 -3.87
CA LYS B 35 -33.20 -13.05 -4.22
C LYS B 35 -33.30 -13.15 -5.73
N THR B 36 -34.50 -13.49 -6.20
CA THR B 36 -34.75 -13.47 -7.63
C THR B 36 -34.69 -12.04 -8.14
N TRP B 37 -33.94 -11.84 -9.22
CA TRP B 37 -33.65 -10.52 -9.78
C TRP B 37 -34.36 -10.36 -11.12
N LYS B 38 -35.10 -9.26 -11.28
CA LYS B 38 -35.81 -9.04 -12.54
C LYS B 38 -34.87 -8.42 -13.55
N LEU B 39 -34.73 -9.06 -14.72
CA LEU B 39 -33.96 -8.48 -15.80
C LEU B 39 -34.75 -7.36 -16.44
N ARG B 40 -34.05 -6.31 -16.87
CA ARG B 40 -34.65 -5.20 -17.60
C ARG B 40 -34.20 -5.36 -19.06
N ALA B 41 -35.11 -5.85 -19.90
CA ALA B 41 -34.82 -6.28 -21.27
C ALA B 41 -34.32 -5.16 -22.17
N ASP B 42 -34.47 -3.90 -21.80
CA ASP B 42 -33.95 -2.80 -22.60
C ASP B 42 -32.80 -2.09 -21.92
N ASP B 43 -32.23 -2.68 -20.88
CA ASP B 43 -31.24 -2.04 -20.02
C ASP B 43 -30.08 -3.00 -19.77
N ILE B 44 -29.01 -2.48 -19.18
CA ILE B 44 -27.97 -3.31 -18.58
C ILE B 44 -28.41 -3.62 -17.16
N THR B 45 -28.55 -4.90 -16.86
CA THR B 45 -28.85 -5.31 -15.50
C THR B 45 -27.57 -5.79 -14.84
N THR B 46 -27.25 -5.25 -13.67
CA THR B 46 -26.08 -5.64 -12.91
C THR B 46 -26.56 -6.36 -11.66
N ILE B 47 -25.86 -7.44 -11.28
CA ILE B 47 -26.22 -8.25 -10.12
C ILE B 47 -24.94 -8.56 -9.34
N MET B 48 -24.87 -8.09 -8.10
CA MET B 48 -23.74 -8.40 -7.22
C MET B 48 -23.63 -9.90 -6.99
N GLY B 49 -22.39 -10.37 -6.91
CA GLY B 49 -22.15 -11.76 -6.56
C GLY B 49 -22.88 -12.22 -5.31
N PHE B 50 -22.93 -11.39 -4.27
CA PHE B 50 -23.54 -11.88 -3.02
C PHE B 50 -25.04 -12.07 -3.16
N ARG B 51 -25.65 -11.60 -4.25
CA ARG B 51 -27.04 -11.93 -4.51
C ARG B 51 -27.23 -13.36 -5.00
N ALA B 52 -26.13 -14.08 -5.27
CA ALA B 52 -26.17 -15.46 -5.69
C ALA B 52 -26.04 -16.39 -4.48
N LYS B 53 -26.64 -17.58 -4.59
CA LYS B 53 -26.40 -18.63 -3.62
C LYS B 53 -25.01 -19.23 -3.85
N LEU B 54 -24.25 -19.39 -2.77
CA LEU B 54 -22.86 -19.83 -2.83
C LEU B 54 -22.70 -21.23 -2.27
N LYS B 55 -21.92 -22.06 -2.96
CA LYS B 55 -21.58 -23.41 -2.55
C LYS B 55 -20.06 -23.51 -2.36
N GLY B 56 -19.64 -24.50 -1.59
CA GLY B 56 -18.22 -24.81 -1.47
C GLY B 56 -17.48 -23.82 -0.57
N ASN B 57 -16.35 -23.32 -1.07
CA ASN B 57 -15.51 -22.38 -0.34
C ASN B 57 -15.93 -20.94 -0.50
N LEU B 58 -16.90 -20.63 -1.38
CA LEU B 58 -17.18 -19.25 -1.73
C LEU B 58 -17.65 -18.48 -0.49
N ASN B 59 -17.15 -17.25 -0.34
CA ASN B 59 -17.43 -16.48 0.85
C ASN B 59 -17.25 -14.98 0.58
N HIS B 60 -18.00 -14.18 1.32
CA HIS B 60 -17.87 -12.73 1.28
C HIS B 60 -17.93 -12.21 2.71
N LEU B 61 -17.48 -10.98 2.89
CA LEU B 61 -17.56 -10.35 4.22
C LEU B 61 -19.01 -10.22 4.66
N ASP B 62 -19.22 -10.25 5.97
CA ASP B 62 -20.58 -10.18 6.51
C ASP B 62 -21.24 -8.87 6.11
N ARG B 63 -22.55 -8.94 5.83
CA ARG B 63 -23.37 -7.76 5.55
C ARG B 63 -24.55 -7.75 6.52
N PRO B 64 -24.30 -7.59 7.83
CA PRO B 64 -25.37 -7.86 8.80
C PRO B 64 -26.44 -6.79 8.89
N THR B 65 -26.24 -5.58 8.35
CA THR B 65 -27.23 -4.53 8.55
C THR B 65 -27.71 -4.01 7.20
N PRO B 66 -28.75 -3.15 7.17
CA PRO B 66 -29.10 -2.47 5.93
C PRO B 66 -27.96 -1.74 5.25
N THR B 67 -26.94 -1.30 5.98
CA THR B 67 -25.93 -0.41 5.41
C THR B 67 -25.01 -1.16 4.45
N VAL B 68 -24.75 -0.54 3.29
CA VAL B 68 -23.88 -1.15 2.30
C VAL B 68 -22.50 -1.47 2.92
N VAL B 69 -21.87 -2.51 2.40
CA VAL B 69 -20.51 -2.89 2.77
C VAL B 69 -19.65 -2.86 1.51
N ASN B 70 -18.59 -2.05 1.53
CA ASN B 70 -17.79 -1.80 0.33
C ASN B 70 -17.17 -3.10 -0.19
N ASN B 71 -16.56 -3.88 0.70
CA ASN B 71 -15.85 -5.09 0.28
C ASN B 71 -16.89 -6.19 0.08
N ALA B 72 -17.47 -6.22 -1.12
CA ALA B 72 -18.54 -7.14 -1.47
C ALA B 72 -18.06 -8.34 -2.26
N PHE B 73 -16.76 -8.44 -2.54
CA PHE B 73 -16.25 -9.49 -3.42
C PHE B 73 -16.57 -10.89 -2.90
N ILE B 74 -16.76 -11.81 -3.81
CA ILE B 74 -16.78 -13.23 -3.48
C ILE B 74 -15.38 -13.79 -3.71
N ARG B 75 -14.90 -14.57 -2.75
CA ARG B 75 -13.60 -15.23 -2.85
C ARG B 75 -13.80 -16.70 -2.56
N GLY B 76 -12.79 -17.48 -2.85
CA GLY B 76 -12.80 -18.91 -2.62
C GLY B 76 -12.91 -19.80 -3.85
N PHE B 77 -12.66 -19.29 -5.06
CA PHE B 77 -12.80 -20.12 -6.27
C PHE B 77 -11.55 -20.99 -6.44
N LEU B 78 -11.49 -22.07 -5.65
CA LEU B 78 -10.32 -22.93 -5.63
C LEU B 78 -10.54 -24.29 -6.31
N THR B 79 -11.78 -24.74 -6.45
CA THR B 79 -12.08 -26.05 -7.02
C THR B 79 -13.31 -25.96 -7.91
N LYS B 80 -13.55 -27.03 -8.68
CA LYS B 80 -14.73 -27.12 -9.53
C LYS B 80 -16.04 -27.10 -8.75
N GLU B 81 -15.98 -27.33 -7.44
CA GLU B 81 -17.17 -27.37 -6.59
C GLU B 81 -17.57 -26.01 -6.05
N ASP B 82 -16.76 -24.98 -6.26
CA ASP B 82 -17.04 -23.65 -5.69
C ASP B 82 -17.84 -22.87 -6.71
N VAL B 83 -19.17 -22.96 -6.58
CA VAL B 83 -20.10 -22.53 -7.62
C VAL B 83 -21.10 -21.55 -7.02
N MET B 84 -21.40 -20.48 -7.76
CA MET B 84 -22.42 -19.52 -7.37
C MET B 84 -23.56 -19.59 -8.38
N THR B 85 -24.79 -19.45 -7.89
CA THR B 85 -25.97 -19.61 -8.72
C THR B 85 -26.93 -18.47 -8.43
N TRP B 86 -27.15 -17.62 -9.43
CA TRP B 86 -28.18 -16.59 -9.38
C TRP B 86 -29.51 -17.14 -9.87
N GLU B 87 -30.58 -16.57 -9.35
CA GLU B 87 -31.93 -16.76 -9.85
C GLU B 87 -32.39 -15.42 -10.45
N VAL B 88 -32.69 -15.42 -11.76
CA VAL B 88 -33.11 -14.21 -12.44
C VAL B 88 -34.35 -14.50 -13.27
N GLU B 89 -35.15 -13.46 -13.50
CA GLU B 89 -36.45 -13.58 -14.13
C GLU B 89 -36.45 -12.75 -15.43
N ALA B 90 -36.59 -13.43 -16.56
CA ALA B 90 -36.56 -12.77 -17.85
C ALA B 90 -37.97 -12.53 -18.36
N PRO B 91 -38.22 -11.35 -18.96
CA PRO B 91 -39.57 -11.06 -19.49
C PRO B 91 -39.93 -11.90 -20.71
N TYR B 92 -38.94 -12.35 -21.47
CA TYR B 92 -39.19 -13.23 -22.61
C TYR B 92 -37.87 -13.91 -23.00
N GLU B 93 -37.99 -14.93 -23.83
CA GLU B 93 -36.82 -15.65 -24.30
C GLU B 93 -35.93 -14.70 -25.09
N ALA B 94 -34.64 -14.66 -24.76
CA ALA B 94 -33.71 -13.81 -25.49
C ALA B 94 -32.29 -14.26 -25.21
N GLU B 95 -31.40 -13.93 -26.12
CA GLU B 95 -29.99 -14.02 -25.84
C GLU B 95 -29.57 -12.82 -25.01
N TYR B 96 -28.65 -13.04 -24.06
CA TYR B 96 -28.15 -11.97 -23.21
C TYR B 96 -26.63 -11.99 -23.24
N ASN B 97 -26.04 -10.87 -23.61
CA ASN B 97 -24.61 -10.68 -23.38
C ASN B 97 -24.33 -10.72 -21.87
N ILE B 98 -23.26 -11.42 -21.50
CA ILE B 98 -22.82 -11.53 -20.13
C ILE B 98 -21.48 -10.82 -20.01
N ALA B 99 -21.36 -9.95 -19.00
CA ALA B 99 -20.08 -9.36 -18.64
C ALA B 99 -19.81 -9.66 -17.19
N LEU B 100 -18.55 -9.92 -16.87
CA LEU B 100 -18.14 -10.22 -15.50
C LEU B 100 -17.18 -9.15 -15.03
N LEU B 101 -17.30 -8.77 -13.77
CA LEU B 101 -16.37 -7.84 -13.15
C LEU B 101 -15.60 -8.58 -12.08
N TYR B 102 -14.28 -8.51 -12.15
CA TYR B 102 -13.46 -9.29 -11.23
C TYR B 102 -12.08 -8.67 -11.15
N THR B 103 -11.31 -9.15 -10.18
CA THR B 103 -9.91 -8.80 -10.10
C THR B 103 -9.18 -10.00 -9.49
N GLY B 104 -7.88 -9.82 -9.27
CA GLY B 104 -7.06 -10.89 -8.71
C GLY B 104 -5.66 -10.91 -9.26
N SER B 105 -4.76 -11.69 -8.64
CA SER B 105 -3.40 -11.80 -9.15
C SER B 105 -3.40 -12.25 -10.61
N ASN B 106 -2.52 -11.66 -11.41
CA ASN B 106 -2.37 -12.15 -12.77
C ASN B 106 -1.80 -13.57 -12.79
N ASP B 107 -1.06 -13.95 -11.75
CA ASP B 107 -0.61 -15.34 -11.64
C ASP B 107 -1.81 -16.28 -11.65
N ILE B 108 -2.90 -15.87 -11.02
CA ILE B 108 -4.10 -16.69 -11.01
C ILE B 108 -4.90 -16.50 -12.30
N LEU B 109 -5.09 -15.25 -12.71
CA LEU B 109 -5.92 -14.97 -13.87
C LEU B 109 -5.40 -15.68 -15.13
N SER B 110 -4.08 -15.76 -15.29
CA SER B 110 -3.51 -16.33 -16.51
C SER B 110 -3.78 -17.83 -16.63
N GLU B 111 -4.27 -18.47 -15.57
CA GLU B 111 -4.55 -19.91 -15.59
C GLU B 111 -6.01 -20.23 -15.31
N SER B 112 -6.84 -19.23 -15.08
CA SER B 112 -8.24 -19.46 -14.75
C SER B 112 -9.08 -19.56 -16.02
N THR B 113 -10.06 -20.46 -16.00
CA THR B 113 -11.07 -20.52 -17.06
C THR B 113 -12.46 -20.46 -16.43
N PHE B 114 -13.33 -19.65 -17.02
CA PHE B 114 -14.68 -19.43 -16.51
C PHE B 114 -15.67 -20.39 -17.17
N GLU B 115 -16.70 -20.76 -16.40
CA GLU B 115 -17.85 -21.47 -16.93
C GLU B 115 -19.11 -20.75 -16.48
N VAL B 116 -19.89 -20.26 -17.44
CA VAL B 116 -21.22 -19.72 -17.15
C VAL B 116 -22.24 -20.59 -17.87
N THR B 117 -23.24 -21.05 -17.12
CA THR B 117 -24.23 -21.97 -17.65
C THR B 117 -25.61 -21.61 -17.13
N SER B 118 -26.61 -21.98 -17.92
CA SER B 118 -28.01 -21.79 -17.53
C SER B 118 -28.80 -22.72 -18.45
N GLY B 119 -29.40 -23.74 -17.87
CA GLY B 119 -29.98 -24.77 -18.71
C GLY B 119 -28.89 -25.43 -19.54
N THR B 120 -29.09 -25.47 -20.85
CA THR B 120 -28.15 -26.10 -21.77
C THR B 120 -27.23 -25.11 -22.48
N SER B 121 -27.38 -23.81 -22.24
CA SER B 121 -26.47 -22.85 -22.80
C SER B 121 -25.25 -22.73 -21.87
N LYS B 122 -24.06 -22.82 -22.45
CA LYS B 122 -22.82 -22.91 -21.70
C LYS B 122 -21.77 -22.01 -22.35
N ILE B 123 -21.06 -21.25 -21.54
CA ILE B 123 -19.99 -20.38 -22.00
C ILE B 123 -18.70 -20.79 -21.29
N ILE B 124 -17.63 -20.97 -22.06
CA ILE B 124 -16.30 -21.27 -21.54
C ILE B 124 -15.34 -20.21 -22.08
N GLU B 125 -14.59 -19.57 -21.18
CA GLU B 125 -13.70 -18.50 -21.61
C GLU B 125 -12.60 -18.29 -20.57
N LYS B 126 -11.35 -18.24 -21.03
CA LYS B 126 -10.23 -17.96 -20.13
C LYS B 126 -10.35 -16.55 -19.58
N ALA B 127 -9.88 -16.37 -18.35
CA ALA B 127 -9.86 -15.06 -17.74
C ALA B 127 -8.94 -14.13 -18.52
N ASN B 128 -9.20 -12.82 -18.41
CA ASN B 128 -8.36 -11.82 -19.03
C ASN B 128 -7.34 -11.31 -18.01
N VAL B 129 -6.08 -11.30 -18.41
CA VAL B 129 -5.01 -10.78 -17.57
C VAL B 129 -4.96 -9.26 -17.68
N LYS B 130 -4.72 -8.61 -16.54
CA LYS B 130 -4.68 -7.15 -16.45
C LYS B 130 -3.33 -6.67 -17.00
N ASN B 131 -3.33 -6.04 -18.17
CA ASN B 131 -2.07 -5.66 -18.82
C ASN B 131 -1.90 -4.14 -18.88
N TRP B 132 -2.44 -3.44 -17.89
CA TRP B 132 -2.15 -2.03 -17.64
C TRP B 132 -1.74 -1.90 -16.18
N ASP B 133 -0.88 -0.94 -15.89
CA ASP B 133 -0.32 -0.74 -14.56
C ASP B 133 -1.16 0.17 -13.68
N THR B 134 -2.27 0.73 -14.17
CA THR B 134 -3.00 1.76 -13.43
C THR B 134 -4.37 1.25 -12.98
N ARG B 135 -5.16 2.15 -12.42
CA ARG B 135 -6.59 1.90 -12.29
C ARG B 135 -7.21 1.81 -13.68
N PRO B 136 -8.30 1.05 -13.84
CA PRO B 136 -9.04 0.26 -12.85
C PRO B 136 -8.33 -1.02 -12.38
N ILE B 137 -8.51 -1.36 -11.09
CA ILE B 137 -8.04 -2.61 -10.51
C ILE B 137 -9.01 -3.75 -10.81
N VAL B 138 -10.31 -3.46 -10.73
CA VAL B 138 -11.34 -4.39 -11.20
C VAL B 138 -11.52 -4.19 -12.70
N GLN B 139 -11.65 -5.29 -13.43
CA GLN B 139 -11.87 -5.20 -14.88
C GLN B 139 -13.23 -5.78 -15.23
N ARG B 140 -13.86 -5.18 -16.25
CA ARG B 140 -15.06 -5.73 -16.88
C ARG B 140 -14.70 -6.56 -18.09
N HIS B 141 -15.24 -7.78 -18.14
CA HIS B 141 -14.91 -8.78 -19.15
C HIS B 141 -16.20 -9.14 -19.86
N TYR B 142 -16.34 -8.69 -21.11
CA TYR B 142 -17.50 -9.07 -21.92
C TYR B 142 -17.24 -10.44 -22.54
N LEU B 143 -18.02 -11.43 -22.14
CA LEU B 143 -17.84 -12.77 -22.68
C LEU B 143 -18.26 -12.79 -24.15
N LYS B 144 -17.47 -13.51 -24.98
CA LYS B 144 -17.64 -13.45 -26.42
C LYS B 144 -18.92 -14.15 -26.88
N GLN B 145 -19.27 -15.25 -26.23
CA GLN B 145 -20.52 -15.93 -26.54
C GLN B 145 -21.63 -15.43 -25.63
N ASN B 146 -22.86 -15.46 -26.13
CA ASN B 146 -24.01 -15.00 -25.39
C ASN B 146 -24.67 -16.16 -24.66
N LEU B 147 -25.56 -15.84 -23.72
CA LEU B 147 -26.20 -16.83 -22.87
C LEU B 147 -27.69 -16.79 -23.17
N LEU B 148 -28.23 -17.91 -23.63
CA LEU B 148 -29.64 -17.99 -23.98
C LEU B 148 -30.46 -18.15 -22.72
N LEU B 149 -31.39 -17.24 -22.48
CA LEU B 149 -32.27 -17.30 -21.32
C LEU B 149 -33.71 -17.47 -21.80
N LYS B 150 -34.52 -18.08 -20.95
CA LYS B 150 -35.91 -18.38 -21.29
C LYS B 150 -36.84 -17.45 -20.53
N LYS B 151 -38.06 -17.34 -21.04
CA LYS B 151 -39.11 -16.58 -20.37
C LYS B 151 -39.33 -17.14 -18.97
N GLY B 152 -39.36 -16.27 -17.98
CA GLY B 152 -39.58 -16.70 -16.61
C GLY B 152 -38.29 -16.85 -15.82
N ILE B 153 -38.36 -17.68 -14.77
CA ILE B 153 -37.22 -17.85 -13.88
C ILE B 153 -36.12 -18.62 -14.57
N ASN B 154 -34.86 -18.25 -14.29
CA ASN B 154 -33.69 -18.94 -14.80
C ASN B 154 -32.64 -19.00 -13.71
N LYS B 155 -31.92 -20.13 -13.66
CA LYS B 155 -30.74 -20.25 -12.81
C LYS B 155 -29.51 -20.03 -13.68
N ILE B 156 -28.58 -19.22 -13.18
CA ILE B 156 -27.34 -18.95 -13.89
C ILE B 156 -26.19 -19.27 -12.94
N SER B 157 -25.29 -20.14 -13.36
CA SER B 157 -24.19 -20.54 -12.51
C SER B 157 -22.88 -20.00 -13.05
N PHE B 158 -21.94 -19.79 -12.15
CA PHE B 158 -20.61 -19.36 -12.54
C PHE B 158 -19.64 -20.10 -11.65
N ARG B 159 -18.62 -20.70 -12.28
CA ARG B 159 -17.51 -21.25 -11.53
C ARG B 159 -16.27 -21.18 -12.40
N LEU B 160 -15.13 -21.47 -11.78
CA LEU B 160 -13.89 -21.75 -12.51
C LEU B 160 -13.75 -23.24 -12.76
N VAL B 161 -13.21 -23.59 -13.92
CA VAL B 161 -12.91 -24.98 -14.25
C VAL B 161 -11.43 -25.24 -14.49
N THR B 162 -10.60 -24.21 -14.60
CA THR B 162 -9.15 -24.36 -14.49
C THR B 162 -8.66 -23.30 -13.52
N PHE B 163 -7.56 -23.58 -12.84
CA PHE B 163 -7.16 -22.78 -11.69
C PHE B 163 -5.69 -22.43 -11.75
N GLY B 164 -5.35 -21.33 -11.09
CA GLY B 164 -3.98 -20.91 -10.96
C GLY B 164 -3.66 -20.65 -9.49
N LYS B 165 -2.40 -20.29 -9.25
CA LYS B 165 -1.94 -20.00 -7.90
C LYS B 165 -0.89 -18.90 -7.96
N GLU B 166 -0.93 -18.00 -6.96
CA GLU B 166 0.07 -16.95 -6.85
C GLU B 166 1.46 -17.58 -6.73
N LYS B 167 2.43 -16.95 -7.39
CA LYS B 167 3.81 -17.45 -7.39
C LYS B 167 4.74 -16.43 -6.74
N THR B 168 5.95 -16.89 -6.41
CA THR B 168 6.99 -16.03 -5.91
C THR B 168 7.66 -15.29 -7.07
N ALA B 179 9.17 -8.06 0.13
CA ALA B 179 8.01 -8.85 -0.27
C ALA B 179 6.70 -8.12 0.03
N ASN B 180 5.61 -8.87 -0.05
CA ASN B 180 4.34 -8.41 0.49
C ASN B 180 3.79 -9.49 1.41
N ILE B 181 2.54 -9.37 1.84
CA ILE B 181 1.97 -10.31 2.80
C ILE B 181 0.58 -10.71 2.36
N LYS B 182 -0.23 -9.73 2.02
CA LYS B 182 -1.63 -9.97 1.73
C LYS B 182 -1.77 -10.68 0.39
N PRO B 183 -2.45 -11.81 0.33
CA PRO B 183 -2.68 -12.47 -0.97
C PRO B 183 -3.66 -11.67 -1.82
N ASN B 184 -3.75 -12.09 -3.08
CA ASN B 184 -4.56 -11.42 -4.08
C ASN B 184 -5.36 -12.47 -4.85
N PRO B 185 -6.33 -13.11 -4.18
CA PRO B 185 -7.06 -14.22 -4.83
C PRO B 185 -8.02 -13.71 -5.89
N PHE B 186 -8.51 -14.64 -6.71
CA PHE B 186 -9.60 -14.32 -7.61
C PHE B 186 -10.76 -13.79 -6.79
N ALA B 187 -11.25 -12.61 -7.16
CA ALA B 187 -12.31 -11.96 -6.40
C ALA B 187 -13.36 -11.48 -7.37
N PHE B 188 -14.60 -11.92 -7.17
CA PHE B 188 -15.70 -11.70 -8.09
C PHE B 188 -16.59 -10.58 -7.56
N TRP B 189 -16.84 -9.58 -8.40
CA TRP B 189 -17.66 -8.45 -8.01
C TRP B 189 -19.11 -8.63 -8.41
N SER B 190 -19.37 -8.77 -9.70
CA SER B 190 -20.75 -8.74 -10.17
C SER B 190 -20.82 -9.35 -11.56
N ILE B 191 -22.04 -9.63 -11.98
CA ILE B 191 -22.34 -10.06 -13.34
C ILE B 191 -23.28 -9.02 -13.95
N GLU B 192 -23.11 -8.76 -15.25
CA GLU B 192 -23.93 -7.78 -15.96
C GLU B 192 -24.61 -8.49 -17.13
N LEU B 193 -25.91 -8.22 -17.32
CA LEU B 193 -26.68 -8.84 -18.41
C LEU B 193 -27.37 -7.78 -19.25
N VAL B 194 -27.28 -7.92 -20.57
CA VAL B 194 -27.84 -6.97 -21.52
C VAL B 194 -28.08 -7.67 -22.86
N ARG B 195 -29.27 -7.54 -23.41
CA ARG B 195 -29.50 -8.03 -24.75
C ARG B 195 -28.59 -7.28 -25.72
N PRO B 196 -27.86 -7.97 -26.59
CA PRO B 196 -26.94 -7.26 -27.51
C PRO B 196 -27.62 -6.17 -28.32
N GLU B 197 -28.90 -6.35 -28.67
CA GLU B 197 -29.64 -5.29 -29.34
C GLU B 197 -29.80 -4.08 -28.43
N ALA B 198 -30.14 -4.30 -27.17
CA ALA B 198 -30.28 -3.18 -26.25
C ALA B 198 -28.96 -2.48 -26.03
N LEU B 199 -27.85 -3.21 -26.08
CA LEU B 199 -26.56 -2.59 -25.86
C LEU B 199 -26.18 -1.65 -27.00
N VAL B 200 -26.54 -2.01 -28.23
CA VAL B 200 -26.28 -1.13 -29.36
C VAL B 200 -27.07 0.18 -29.21
N ALA B 201 -28.35 0.07 -28.85
CA ALA B 201 -29.18 1.26 -28.64
C ALA B 201 -28.65 2.09 -27.48
N ILE B 202 -28.30 1.44 -26.36
CA ILE B 202 -27.77 2.16 -25.22
C ILE B 202 -26.54 2.95 -25.62
N LYS B 203 -25.63 2.32 -26.35
CA LYS B 203 -24.41 3.00 -26.74
C LYS B 203 -24.69 4.15 -27.70
N GLU B 204 -25.74 4.04 -28.51
CA GLU B 204 -26.11 5.13 -29.39
C GLU B 204 -26.65 6.32 -28.60
N ARG B 205 -27.58 6.06 -27.68
CA ARG B 205 -28.08 7.12 -26.82
C ARG B 205 -26.96 7.75 -26.00
N ALA B 206 -25.98 6.94 -25.58
CA ALA B 206 -24.87 7.51 -24.82
C ALA B 206 -24.04 8.46 -25.67
N LYS B 207 -23.79 8.07 -26.93
CA LYS B 207 -22.97 8.91 -27.80
C LYS B 207 -23.68 10.22 -28.12
N GLU B 208 -25.02 10.18 -28.21
CA GLU B 208 -25.77 11.38 -28.58
C GLU B 208 -25.67 12.47 -27.51
N ILE B 209 -25.63 12.09 -26.23
CA ILE B 209 -25.60 13.09 -25.17
C ILE B 209 -24.22 13.27 -24.56
N LYS B 210 -23.22 12.56 -25.07
CA LYS B 210 -21.86 12.66 -24.52
C LYS B 210 -21.41 14.11 -24.45
N ALA B 211 -20.84 14.50 -23.31
CA ALA B 211 -20.36 15.85 -23.13
C ALA B 211 -19.12 16.10 -23.97
N ASP B 212 -18.98 17.34 -24.43
CA ASP B 212 -17.71 17.80 -25.00
C ASP B 212 -16.90 18.46 -23.87
N LEU B 213 -15.69 17.98 -23.66
CA LEU B 213 -14.92 18.38 -22.49
C LEU B 213 -13.73 19.25 -22.86
N GLN B 214 -13.71 19.78 -24.08
CA GLN B 214 -12.56 20.58 -24.53
C GLN B 214 -12.32 21.77 -23.62
N TRP B 215 -13.38 22.37 -23.07
CA TRP B 215 -13.20 23.52 -22.18
C TRP B 215 -12.39 23.12 -20.95
N MET B 216 -12.52 21.89 -20.47
CA MET B 216 -11.71 21.45 -19.33
C MET B 216 -10.26 21.26 -19.72
N VAL B 217 -10.02 20.63 -20.88
CA VAL B 217 -8.66 20.44 -21.38
C VAL B 217 -7.98 21.79 -21.60
N ASP B 218 -8.70 22.73 -22.22
CA ASP B 218 -8.10 24.01 -22.54
C ASP B 218 -7.86 24.85 -21.30
N GLY B 219 -8.74 24.76 -20.31
CA GLY B 219 -8.47 25.36 -19.02
C GLY B 219 -7.40 24.66 -18.20
N LYS B 220 -7.00 23.45 -18.58
CA LYS B 220 -5.86 22.74 -18.01
C LYS B 220 -6.13 22.21 -16.59
N TYR B 221 -6.50 23.08 -15.63
CA TYR B 221 -6.74 22.58 -14.29
C TYR B 221 -7.75 23.44 -13.56
N GLY B 222 -8.36 22.83 -12.53
CA GLY B 222 -9.24 23.53 -11.63
C GLY B 222 -8.92 23.24 -10.16
N LEU B 223 -9.78 23.75 -9.29
CA LEU B 223 -9.60 23.68 -7.85
C LEU B 223 -10.74 22.85 -7.27
N PHE B 224 -10.39 21.79 -6.56
CA PHE B 224 -11.33 21.05 -5.71
C PHE B 224 -11.36 21.77 -4.38
N VAL B 225 -12.54 22.17 -3.91
CA VAL B 225 -12.64 22.77 -2.58
C VAL B 225 -13.61 21.95 -1.74
N HIS B 226 -13.12 21.50 -0.60
CA HIS B 226 -13.86 20.68 0.35
C HIS B 226 -14.42 21.58 1.45
N PHE B 227 -15.69 21.94 1.28
CA PHE B 227 -16.55 22.55 2.30
C PHE B 227 -17.13 21.39 3.10
N SER B 228 -16.33 20.88 4.04
CA SER B 228 -16.54 19.55 4.61
C SER B 228 -17.23 19.62 5.97
N SER B 229 -18.25 18.78 6.16
CA SER B 229 -19.01 18.78 7.42
C SER B 229 -18.13 18.46 8.62
N SER B 230 -17.10 17.64 8.42
CA SER B 230 -16.16 17.30 9.48
C SER B 230 -15.20 18.44 9.85
N SER B 231 -15.16 19.52 9.08
CA SER B 231 -14.11 20.51 9.25
C SER B 231 -14.40 21.48 10.38
N VAL B 232 -13.34 21.87 11.09
CA VAL B 232 -13.42 22.86 12.16
C VAL B 232 -12.98 24.23 11.65
N PRO B 233 -13.67 25.30 12.00
CA PRO B 233 -13.27 26.63 11.53
C PRO B 233 -11.91 27.05 12.08
N PHE B 234 -11.23 27.91 11.30
CA PHE B 234 -9.94 28.44 11.71
C PHE B 234 -10.01 29.01 13.12
N GLU B 235 -11.05 29.81 13.39
CA GLU B 235 -11.24 30.37 14.72
C GLU B 235 -11.31 29.25 15.76
N GLY B 236 -11.90 28.14 15.41
CA GLY B 236 -12.24 27.08 16.34
C GLY B 236 -13.75 26.94 16.44
N GLY B 237 -14.17 26.04 17.33
CA GLY B 237 -15.58 25.90 17.58
C GLY B 237 -16.21 24.72 16.88
N LEU B 238 -17.50 24.82 16.56
CA LEU B 238 -18.23 23.67 16.08
C LEU B 238 -17.82 23.31 14.66
N LYS B 239 -17.75 22.01 14.38
CA LYS B 239 -17.50 21.56 13.03
C LYS B 239 -18.58 22.10 12.09
N LEU B 240 -18.27 22.11 10.79
CA LEU B 240 -19.16 22.78 9.82
C LEU B 240 -20.55 22.15 9.83
N GLY B 241 -20.63 20.83 9.95
CA GLY B 241 -21.93 20.17 9.96
C GLY B 241 -22.80 20.53 11.15
N ASP B 242 -22.24 21.15 12.18
CA ASP B 242 -23.01 21.57 13.35
C ASP B 242 -23.39 23.04 13.32
N GLN B 243 -22.87 23.81 12.38
CA GLN B 243 -23.27 25.20 12.19
C GLN B 243 -23.26 25.50 10.70
N TYR B 244 -23.90 24.59 9.94
CA TYR B 244 -23.84 24.66 8.50
C TYR B 244 -24.51 25.93 7.98
N GLN B 245 -25.75 26.16 8.40
CA GLN B 245 -26.45 27.36 7.95
C GLN B 245 -25.70 28.62 8.36
N LYS B 246 -25.16 28.65 9.59
CA LYS B 246 -24.43 29.83 10.02
C LYS B 246 -23.25 30.12 9.11
N LEU B 247 -22.40 29.12 8.86
CA LEU B 247 -21.21 29.34 8.06
C LEU B 247 -21.53 29.55 6.59
N VAL B 248 -22.67 29.07 6.11
CA VAL B 248 -23.04 29.38 4.73
C VAL B 248 -23.41 30.86 4.61
N LYS B 249 -24.14 31.38 5.61
CA LYS B 249 -24.49 32.80 5.63
C LYS B 249 -23.23 33.67 5.71
N ASP B 250 -22.22 33.22 6.44
CA ASP B 250 -21.00 33.99 6.66
C ASP B 250 -19.99 33.84 5.53
N PHE B 251 -20.21 32.91 4.60
CA PHE B 251 -19.27 32.64 3.52
C PHE B 251 -19.05 33.88 2.66
N ASP B 252 -17.79 34.31 2.55
CA ASP B 252 -17.41 35.57 1.90
C ASP B 252 -16.94 35.25 0.48
N VAL B 253 -17.85 35.36 -0.48
CA VAL B 253 -17.56 34.87 -1.83
C VAL B 253 -16.41 35.65 -2.45
N ASP B 254 -16.31 36.95 -2.14
CA ASP B 254 -15.25 37.79 -2.73
C ASP B 254 -13.87 37.35 -2.25
N VAL B 255 -13.72 37.12 -0.95
CA VAL B 255 -12.47 36.54 -0.43
C VAL B 255 -12.16 35.26 -1.17
N PHE B 256 -13.18 34.42 -1.38
CA PHE B 256 -12.95 33.13 -2.02
C PHE B 256 -12.51 33.29 -3.46
N VAL B 257 -13.22 34.13 -4.23
CA VAL B 257 -12.93 34.26 -5.65
C VAL B 257 -11.54 34.85 -5.89
N GLU B 258 -11.10 35.75 -5.01
CA GLU B 258 -9.75 36.31 -5.13
C GLU B 258 -8.71 35.20 -5.08
N LYS B 259 -8.86 34.26 -4.15
CA LYS B 259 -7.89 33.18 -4.02
C LYS B 259 -7.96 32.24 -5.22
N VAL B 260 -9.16 31.98 -5.74
CA VAL B 260 -9.29 31.12 -6.91
C VAL B 260 -8.59 31.75 -8.10
N LEU B 261 -8.69 33.09 -8.22
CA LEU B 261 -8.00 33.78 -9.30
C LEU B 261 -6.50 33.66 -9.16
N GLU B 262 -5.98 33.81 -7.93
CA GLU B 262 -4.55 33.70 -7.70
C GLU B 262 -4.00 32.36 -8.17
N ILE B 263 -4.71 31.26 -7.91
CA ILE B 263 -4.13 29.96 -8.26
C ILE B 263 -4.33 29.62 -9.72
N GLY B 264 -5.18 30.36 -10.45
CA GLY B 264 -5.32 30.14 -11.87
C GLY B 264 -6.29 29.05 -12.29
N ALA B 265 -7.20 28.64 -11.41
CA ALA B 265 -8.11 27.55 -11.76
C ALA B 265 -9.12 27.99 -12.80
N SER B 266 -9.42 27.10 -13.74
CA SER B 266 -10.46 27.41 -14.71
C SER B 266 -11.83 26.88 -14.31
N TRP B 267 -11.89 26.01 -13.29
CA TRP B 267 -13.17 25.63 -12.69
C TRP B 267 -12.94 25.32 -11.21
N VAL B 268 -14.05 25.28 -10.48
CA VAL B 268 -14.10 24.88 -9.08
C VAL B 268 -15.09 23.73 -8.98
N THR B 269 -14.71 22.71 -8.24
CA THR B 269 -15.60 21.61 -7.88
C THR B 269 -15.87 21.74 -6.40
N PHE B 270 -17.12 22.04 -6.06
CA PHE B 270 -17.48 22.42 -4.70
C PHE B 270 -18.23 21.27 -4.07
N THR B 271 -17.87 21.00 -2.83
CA THR B 271 -18.30 19.83 -2.10
C THR B 271 -19.62 20.14 -1.37
N CYS B 272 -20.71 19.60 -1.90
CA CYS B 272 -21.99 19.59 -1.22
C CYS B 272 -22.16 18.24 -0.52
N ALA B 273 -22.66 18.28 0.70
CA ALA B 273 -23.04 17.06 1.40
C ALA B 273 -21.82 16.14 1.58
N HIS B 274 -20.76 16.68 2.14
CA HIS B 274 -19.55 15.89 2.38
C HIS B 274 -19.53 15.51 3.85
N GLY B 275 -19.98 14.30 4.17
CA GLY B 275 -20.04 13.79 5.53
C GLY B 275 -21.43 13.86 6.16
N THR B 276 -22.26 14.81 5.71
CA THR B 276 -23.65 14.92 6.11
C THR B 276 -24.42 15.27 4.85
N GLN B 277 -25.75 15.33 4.95
CA GLN B 277 -26.55 15.67 3.78
C GLN B 277 -26.87 17.17 3.70
N HIS B 278 -26.07 18.00 4.34
CA HIS B 278 -26.27 19.44 4.25
C HIS B 278 -25.95 19.94 2.85
N TRP B 279 -26.71 20.96 2.42
CA TRP B 279 -26.70 21.43 1.05
C TRP B 279 -26.69 22.95 1.03
N PRO B 280 -25.73 23.59 0.31
CA PRO B 280 -25.53 25.05 0.44
C PRO B 280 -26.47 25.86 -0.43
N GLY B 281 -27.77 25.71 -0.18
CA GLY B 281 -28.76 26.48 -0.90
C GLY B 281 -30.13 25.86 -0.76
N PRO B 282 -31.10 26.35 -1.53
CA PRO B 282 -32.46 25.81 -1.44
C PRO B 282 -32.62 24.50 -2.18
N SER B 283 -33.47 23.64 -1.63
CA SER B 283 -33.77 22.36 -2.26
C SER B 283 -35.14 21.90 -1.79
N LYS B 284 -36.11 21.88 -2.69
CA LYS B 284 -37.42 21.36 -2.30
C LYS B 284 -37.38 19.84 -2.13
N THR B 285 -36.59 19.15 -2.95
CA THR B 285 -36.44 17.70 -2.83
C THR B 285 -35.91 17.31 -1.45
N ILE B 286 -34.80 17.92 -1.03
CA ILE B 286 -34.25 17.61 0.29
C ILE B 286 -35.25 18.00 1.38
N ASP B 287 -35.85 19.18 1.27
CA ASP B 287 -36.80 19.62 2.28
C ASP B 287 -37.99 18.70 2.39
N SER B 288 -38.42 18.09 1.27
CA SER B 288 -39.58 17.22 1.36
C SER B 288 -39.29 15.95 2.13
N ILE B 289 -38.02 15.54 2.24
CA ILE B 289 -37.68 14.37 3.05
C ILE B 289 -37.57 14.75 4.53
N LYS B 290 -36.80 15.79 4.83
CA LYS B 290 -36.55 16.19 6.21
C LYS B 290 -35.96 17.59 6.21
N SER B 291 -36.41 18.42 7.14
CA SER B 291 -35.98 19.81 7.18
C SER B 291 -34.70 19.96 8.00
N GLY B 292 -34.02 21.10 7.82
CA GLY B 292 -32.82 21.42 8.53
C GLY B 292 -31.53 21.17 7.78
N PHE B 293 -31.60 20.71 6.53
CA PHE B 293 -30.41 20.42 5.74
C PHE B 293 -30.08 21.47 4.68
N THR B 294 -31.02 22.36 4.34
CA THR B 294 -30.83 23.31 3.24
C THR B 294 -30.61 24.70 3.82
N CYS B 295 -30.36 25.66 2.93
CA CYS B 295 -30.06 27.03 3.35
C CYS B 295 -30.91 28.03 2.59
N GLU B 296 -31.29 29.11 3.28
CA GLU B 296 -31.98 30.22 2.61
C GLU B 296 -31.04 30.99 1.68
N ARG B 297 -29.76 31.14 2.05
CA ARG B 297 -28.80 31.72 1.12
C ARG B 297 -28.48 30.74 -0.01
N ASP B 298 -28.68 31.17 -1.25
CA ASP B 298 -28.33 30.37 -2.41
C ASP B 298 -26.86 30.59 -2.73
N LEU B 299 -26.01 29.94 -1.94
CA LEU B 299 -24.57 30.14 -2.07
C LEU B 299 -24.04 29.58 -3.40
N ILE B 300 -24.64 28.49 -3.88
CA ILE B 300 -24.32 27.99 -5.22
C ILE B 300 -24.50 29.10 -6.25
N ARG B 301 -25.64 29.79 -6.21
CA ARG B 301 -25.88 30.86 -7.17
C ARG B 301 -24.83 31.97 -7.03
N GLU B 302 -24.51 32.36 -5.80
CA GLU B 302 -23.53 33.42 -5.59
C GLU B 302 -22.14 32.97 -5.99
N LEU B 303 -21.84 31.68 -5.86
CA LEU B 303 -20.54 31.21 -6.33
C LEU B 303 -20.49 31.22 -7.85
N ILE B 304 -21.57 30.79 -8.49
CA ILE B 304 -21.65 30.86 -9.95
C ILE B 304 -21.42 32.28 -10.42
N ASP B 305 -22.17 33.23 -9.87
CA ASP B 305 -22.07 34.61 -10.32
C ASP B 305 -20.70 35.19 -10.00
N GLY B 306 -20.16 34.91 -8.81
CA GLY B 306 -18.86 35.45 -8.45
C GLY B 306 -17.73 34.87 -9.27
N LEU B 307 -17.78 33.55 -9.51
CA LEU B 307 -16.75 32.90 -10.33
C LEU B 307 -16.92 33.22 -11.80
N GLY B 308 -18.17 33.28 -12.28
CA GLY B 308 -18.43 33.51 -13.68
C GLY B 308 -17.96 34.86 -14.18
N LYS B 309 -17.82 35.85 -13.29
CA LYS B 309 -17.24 37.13 -13.68
C LYS B 309 -15.86 36.98 -14.29
N HIS B 310 -15.20 35.85 -14.06
CA HIS B 310 -13.88 35.59 -14.60
C HIS B 310 -13.90 34.39 -15.53
N ASN B 311 -15.08 33.99 -16.00
CA ASN B 311 -15.26 32.80 -16.82
C ASN B 311 -14.68 31.56 -16.14
N ILE B 312 -14.75 31.50 -14.82
CA ILE B 312 -14.43 30.28 -14.07
C ILE B 312 -15.73 29.56 -13.79
N ARG B 313 -15.77 28.26 -14.09
CA ARG B 313 -17.01 27.49 -13.98
C ARG B 313 -17.09 26.74 -12.66
N LEU B 314 -18.33 26.40 -12.30
CA LEU B 314 -18.63 25.72 -11.04
C LEU B 314 -19.20 24.33 -11.32
N MET B 315 -18.61 23.32 -10.71
CA MET B 315 -19.14 21.95 -10.72
C MET B 315 -19.34 21.51 -9.27
N LEU B 316 -20.32 20.65 -9.04
CA LEU B 316 -20.60 20.24 -7.68
C LEU B 316 -20.13 18.82 -7.45
N TYR B 317 -19.54 18.61 -6.29
CA TYR B 317 -19.41 17.29 -5.68
C TYR B 317 -20.70 17.03 -4.90
N TYR B 318 -21.15 15.78 -4.90
CA TYR B 318 -22.24 15.36 -4.02
C TYR B 318 -22.00 13.94 -3.53
N ASN B 319 -22.19 13.70 -2.24
CA ASN B 319 -22.08 12.36 -1.69
C ASN B 319 -23.47 11.80 -1.41
N PRO B 320 -23.92 10.77 -2.13
CA PRO B 320 -25.26 10.22 -1.90
C PRO B 320 -25.36 9.20 -0.78
N ASN B 321 -24.32 8.93 0.00
CA ASN B 321 -24.44 8.01 1.13
C ASN B 321 -24.14 8.63 2.49
N SER B 322 -23.20 9.58 2.57
CA SER B 322 -22.74 10.05 3.89
C SER B 322 -23.85 10.85 4.58
N GLY B 323 -24.23 10.43 5.78
CA GLY B 323 -25.34 11.06 6.46
C GLY B 323 -26.68 10.78 5.84
N MET B 324 -26.77 9.89 4.84
CA MET B 324 -28.05 9.59 4.21
C MET B 324 -29.03 8.93 5.18
N GLU B 325 -28.52 8.27 6.23
CA GLU B 325 -29.40 7.69 7.24
C GLU B 325 -30.18 8.78 7.96
N ASP B 326 -29.54 9.93 8.20
CA ASP B 326 -30.22 11.05 8.82
C ASP B 326 -31.22 11.74 7.89
N LEU B 327 -31.21 11.42 6.60
CA LEU B 327 -32.12 12.08 5.67
C LEU B 327 -33.21 11.12 5.19
N TYR B 328 -32.88 10.28 4.20
CA TYR B 328 -33.86 9.36 3.66
C TYR B 328 -34.08 8.16 4.57
N GLY B 329 -33.04 7.70 5.24
CA GLY B 329 -33.03 6.43 5.91
C GLY B 329 -32.21 5.40 5.16
N ASN B 330 -32.54 4.13 5.39
CA ASN B 330 -31.93 3.04 4.65
C ASN B 330 -32.21 3.21 3.16
N THR B 331 -31.22 2.90 2.33
CA THR B 331 -31.41 3.03 0.90
C THR B 331 -32.51 2.10 0.40
N TYR B 332 -32.65 0.92 1.04
CA TYR B 332 -33.66 -0.05 0.65
C TYR B 332 -34.98 0.12 1.40
N GLY B 333 -35.16 1.23 2.12
CA GLY B 333 -36.43 1.47 2.78
C GLY B 333 -36.48 0.80 4.15
N ASN B 334 -37.71 0.43 4.55
CA ASN B 334 -37.98 0.01 5.92
C ASN B 334 -39.01 -1.10 6.03
N GLY B 335 -39.39 -1.74 4.93
CA GLY B 335 -40.29 -2.87 4.98
C GLY B 335 -39.54 -4.16 5.21
N ASP B 336 -40.30 -5.26 5.21
CA ASP B 336 -39.65 -6.56 5.37
C ASP B 336 -38.75 -6.90 4.18
N GLN B 337 -39.03 -6.34 3.01
CA GLN B 337 -38.22 -6.67 1.83
C GLN B 337 -37.58 -5.43 1.22
N PRO B 338 -36.41 -5.57 0.60
CA PRO B 338 -35.70 -4.40 0.10
C PRO B 338 -36.45 -3.79 -1.07
N ASP B 339 -36.47 -2.47 -1.10
CA ASP B 339 -37.11 -1.74 -2.19
C ASP B 339 -36.38 -0.43 -2.32
N PRO B 340 -35.53 -0.27 -3.33
CA PRO B 340 -34.74 0.96 -3.47
C PRO B 340 -35.43 2.06 -4.26
N SER B 341 -36.70 1.88 -4.65
CA SER B 341 -37.27 2.84 -5.59
C SER B 341 -37.42 4.21 -4.96
N GLY B 342 -37.80 4.28 -3.68
CA GLY B 342 -37.86 5.58 -3.01
C GLY B 342 -36.54 6.33 -3.00
N TYR B 343 -35.44 5.63 -2.74
CA TYR B 343 -34.15 6.30 -2.72
C TYR B 343 -33.72 6.67 -4.14
N PHE B 344 -33.99 5.80 -5.12
CA PHE B 344 -33.73 6.14 -6.52
C PHE B 344 -34.50 7.39 -6.92
N ASN B 345 -35.79 7.47 -6.55
CA ASN B 345 -36.60 8.62 -6.93
C ASN B 345 -36.05 9.90 -6.34
N PHE B 346 -35.51 9.83 -5.12
CA PHE B 346 -34.97 11.00 -4.47
C PHE B 346 -33.76 11.53 -5.22
N LEU B 347 -32.80 10.65 -5.54
CA LEU B 347 -31.59 11.09 -6.23
C LEU B 347 -31.94 11.70 -7.57
N GLU B 348 -32.79 11.02 -8.34
CA GLU B 348 -33.19 11.54 -9.63
C GLU B 348 -33.85 12.91 -9.49
N ALA B 349 -34.80 13.05 -8.57
CA ALA B 349 -35.49 14.33 -8.41
C ALA B 349 -34.53 15.41 -7.92
N HIS B 350 -33.58 15.04 -7.06
CA HIS B 350 -32.61 15.99 -6.55
C HIS B 350 -31.71 16.50 -7.66
N PHE B 351 -31.17 15.59 -8.48
CA PHE B 351 -30.33 16.00 -9.60
C PHE B 351 -31.11 16.90 -10.56
N ARG B 352 -32.32 16.46 -10.92
CA ARG B 352 -33.11 17.21 -11.89
C ARG B 352 -33.48 18.58 -11.35
N GLU B 353 -33.76 18.70 -10.05
CA GLU B 353 -34.15 20.00 -9.50
C GLU B 353 -32.99 20.98 -9.55
N VAL B 354 -31.80 20.55 -9.12
CA VAL B 354 -30.62 21.42 -9.16
C VAL B 354 -30.30 21.79 -10.61
N SER B 355 -30.29 20.79 -11.49
CA SER B 355 -29.94 21.01 -12.88
C SER B 355 -30.83 22.07 -13.50
N LEU B 356 -32.14 21.96 -13.29
CA LEU B 356 -33.08 22.92 -13.85
C LEU B 356 -33.10 24.23 -13.08
N ARG B 357 -32.70 24.21 -11.81
CA ARG B 357 -32.66 25.45 -11.05
C ARG B 357 -31.62 26.41 -11.61
N TYR B 358 -30.43 25.93 -11.93
CA TYR B 358 -29.35 26.80 -12.37
C TYR B 358 -29.10 26.78 -13.88
N GLY B 359 -29.70 25.83 -14.61
CA GLY B 359 -29.57 25.84 -16.06
C GLY B 359 -28.11 25.78 -16.51
N LYS B 360 -27.81 26.56 -17.55
CA LYS B 360 -26.46 26.58 -18.12
C LYS B 360 -25.44 27.25 -17.21
N ASP B 361 -25.89 28.04 -16.24
CA ASP B 361 -24.93 28.75 -15.39
C ASP B 361 -24.13 27.77 -14.52
N LEU B 362 -24.70 26.62 -14.19
CA LEU B 362 -24.00 25.60 -13.41
C LEU B 362 -23.36 24.61 -14.38
N ALA B 363 -22.05 24.41 -14.27
CA ALA B 363 -21.38 23.53 -15.21
C ALA B 363 -21.84 22.07 -15.04
N SER B 364 -22.08 21.64 -13.81
CA SER B 364 -22.63 20.31 -13.59
C SER B 364 -23.04 20.16 -12.13
N THR B 365 -24.21 19.56 -11.91
CA THR B 365 -24.57 19.15 -10.57
C THR B 365 -23.92 17.83 -10.18
N ALA B 366 -23.14 17.22 -11.06
CA ALA B 366 -22.53 15.93 -10.76
C ALA B 366 -21.13 15.86 -11.34
N GLY B 367 -20.30 16.87 -11.02
CA GLY B 367 -18.89 16.80 -11.35
C GLY B 367 -18.15 15.71 -10.62
N TYR B 368 -18.60 15.37 -9.40
CA TYR B 368 -17.93 14.33 -8.59
C TYR B 368 -19.00 13.71 -7.68
N ILE B 369 -19.52 12.56 -8.07
CA ILE B 369 -20.49 11.82 -7.27
C ILE B 369 -19.74 10.70 -6.56
N ASP B 370 -19.63 10.81 -5.23
CA ASP B 370 -18.71 9.98 -4.47
C ASP B 370 -19.16 8.53 -4.43
N ASP B 371 -18.19 7.61 -4.51
CA ASP B 371 -18.40 6.17 -4.30
C ASP B 371 -19.45 5.57 -5.23
N GLY B 372 -19.47 6.05 -6.49
CA GLY B 372 -20.29 5.38 -7.48
C GLY B 372 -19.98 3.89 -7.58
N GLY B 373 -18.71 3.54 -7.49
CA GLY B 373 -18.29 2.16 -7.52
C GLY B 373 -18.52 1.40 -6.22
N TRP B 374 -18.00 1.90 -5.10
CA TRP B 374 -18.08 1.09 -3.89
C TRP B 374 -19.51 0.98 -3.37
N LYS B 375 -20.37 1.98 -3.59
CA LYS B 375 -21.67 2.00 -2.93
C LYS B 375 -22.84 2.07 -3.92
N VAL B 376 -22.91 3.09 -4.78
CA VAL B 376 -24.06 3.24 -5.67
C VAL B 376 -24.23 2.00 -6.55
N TYR B 377 -23.14 1.50 -7.14
CA TYR B 377 -23.23 0.35 -8.03
C TYR B 377 -23.91 -0.85 -7.37
N GLN B 378 -23.75 -1.01 -6.06
CA GLN B 378 -24.26 -2.21 -5.39
C GLN B 378 -25.79 -2.27 -5.35
N LEU B 379 -26.47 -1.19 -5.74
CA LEU B 379 -27.93 -1.12 -5.77
C LEU B 379 -28.51 -1.33 -7.15
N ASP B 380 -27.71 -1.61 -8.17
CA ASP B 380 -28.20 -1.77 -9.54
C ASP B 380 -29.05 -0.54 -9.91
N PRO B 381 -28.47 0.66 -9.84
CA PRO B 381 -29.27 1.89 -9.96
C PRO B 381 -29.60 2.16 -11.42
N PRO B 382 -30.52 3.08 -11.69
CA PRO B 382 -30.83 3.42 -13.09
C PRO B 382 -29.92 4.55 -13.58
N TRP B 383 -28.72 4.20 -14.06
CA TRP B 383 -27.73 5.21 -14.37
C TRP B 383 -28.26 6.21 -15.38
N GLU B 384 -28.96 5.73 -16.41
CA GLU B 384 -29.40 6.64 -17.46
C GLU B 384 -30.37 7.68 -16.89
N LYS B 385 -31.24 7.27 -15.96
CA LYS B 385 -32.17 8.21 -15.36
C LYS B 385 -31.42 9.26 -14.53
N PHE B 386 -30.38 8.84 -13.83
CA PHE B 386 -29.55 9.83 -13.14
C PHE B 386 -28.96 10.83 -14.13
N VAL B 387 -28.36 10.35 -15.21
CA VAL B 387 -27.70 11.24 -16.17
C VAL B 387 -28.72 12.17 -16.83
N LYS B 388 -29.85 11.62 -17.28
CA LYS B 388 -30.88 12.44 -17.89
C LYS B 388 -31.28 13.59 -16.97
N ALA B 389 -31.38 13.31 -15.65
CA ALA B 389 -31.66 14.36 -14.67
C ALA B 389 -30.50 15.33 -14.53
N ILE B 390 -29.26 14.84 -14.52
CA ILE B 390 -28.13 15.73 -14.39
C ILE B 390 -28.09 16.71 -15.57
N LYS B 391 -28.46 16.25 -16.77
CA LYS B 391 -28.39 17.08 -17.97
C LYS B 391 -29.71 17.78 -18.31
N ALA B 392 -30.72 17.71 -17.44
CA ALA B 392 -32.03 18.22 -17.80
C ALA B 392 -32.00 19.73 -18.02
N GLY B 393 -31.23 20.45 -17.22
CA GLY B 393 -31.19 21.89 -17.34
C GLY B 393 -29.95 22.38 -18.05
N ASN B 394 -29.02 21.47 -18.34
CA ASN B 394 -27.76 21.83 -19.01
C ASN B 394 -27.29 20.61 -19.79
N PRO B 395 -27.60 20.55 -21.09
CA PRO B 395 -27.21 19.37 -21.88
C PRO B 395 -25.72 19.18 -22.02
N ASN B 396 -24.91 20.15 -21.62
CA ASN B 396 -23.46 20.06 -21.71
C ASN B 396 -22.80 19.71 -20.37
N ALA B 397 -23.58 19.38 -19.34
CA ALA B 397 -23.00 19.11 -18.02
C ALA B 397 -22.19 17.83 -17.99
N PRO B 398 -20.90 17.89 -17.62
CA PRO B 398 -20.11 16.66 -17.47
C PRO B 398 -20.65 15.83 -16.30
N VAL B 399 -20.81 14.53 -16.53
CA VAL B 399 -21.18 13.60 -15.46
C VAL B 399 -19.93 12.87 -14.99
N GLY B 400 -19.59 13.04 -13.72
CA GLY B 400 -18.48 12.36 -13.11
C GLY B 400 -18.93 11.55 -11.92
N PHE B 401 -19.39 10.33 -12.17
CA PHE B 401 -19.55 9.38 -11.09
C PHE B 401 -18.17 8.87 -10.70
N SER B 402 -17.82 8.96 -9.42
CA SER B 402 -16.57 8.36 -8.97
C SER B 402 -16.66 6.86 -9.12
N GLN B 403 -15.76 6.29 -9.91
CA GLN B 403 -15.77 4.86 -10.16
C GLN B 403 -14.77 4.12 -9.30
N ASN B 404 -14.09 4.83 -8.39
CA ASN B 404 -13.16 4.22 -7.44
C ASN B 404 -12.15 3.41 -8.25
N LEU B 405 -11.95 2.12 -7.96
CA LEU B 405 -11.01 1.35 -8.75
C LEU B 405 -11.68 0.44 -9.77
N PHE B 406 -12.90 0.74 -10.12
CA PHE B 406 -13.70 -0.03 -11.05
C PHE B 406 -13.61 0.53 -12.45
N PRO B 407 -13.98 -0.27 -13.46
CA PRO B 407 -14.02 0.26 -14.81
C PRO B 407 -15.21 1.19 -14.99
N ASN B 408 -15.43 1.68 -16.20
CA ASN B 408 -16.55 2.58 -16.46
C ASN B 408 -17.85 2.04 -15.83
N LEU B 409 -18.46 2.84 -14.96
CA LEU B 409 -19.66 2.39 -14.29
C LEU B 409 -20.83 2.25 -15.25
N THR B 410 -20.89 3.11 -16.27
CA THR B 410 -22.05 3.21 -17.12
C THR B 410 -21.63 3.86 -18.41
N PRO B 411 -22.15 3.42 -19.56
CA PRO B 411 -21.78 4.06 -20.83
C PRO B 411 -22.15 5.53 -20.87
N PHE B 412 -23.04 5.99 -19.98
CA PHE B 412 -23.45 7.39 -19.97
C PHE B 412 -22.53 8.30 -19.15
N SER B 413 -21.41 7.78 -18.65
CA SER B 413 -20.37 8.61 -18.04
C SER B 413 -19.74 9.56 -19.05
N ASP B 414 -19.11 10.61 -18.51
CA ASP B 414 -18.24 11.47 -19.31
C ASP B 414 -16.79 11.43 -18.84
N LEU B 415 -16.55 11.59 -17.55
CA LEU B 415 -15.22 11.79 -16.97
C LEU B 415 -14.75 10.54 -16.23
N VAL B 416 -13.46 10.23 -16.34
CA VAL B 416 -12.84 9.31 -15.38
C VAL B 416 -12.79 10.01 -14.03
N VAL B 417 -13.20 9.32 -12.97
CA VAL B 417 -13.20 9.94 -11.65
C VAL B 417 -12.81 8.92 -10.59
N SER B 418 -11.79 9.23 -9.80
CA SER B 418 -11.49 8.47 -8.59
C SER B 418 -10.59 9.32 -7.69
N ASP B 419 -10.41 8.85 -6.46
CA ASP B 419 -9.69 9.59 -5.43
C ASP B 419 -8.20 9.28 -5.56
N GLY B 420 -7.40 10.27 -5.98
CA GLY B 420 -5.97 10.08 -6.13
C GLY B 420 -5.11 10.36 -4.91
N SER B 421 -5.73 10.60 -3.75
CA SER B 421 -5.04 11.04 -2.49
C SER B 421 -4.11 12.19 -2.83
N GLY B 422 -2.87 12.22 -2.34
CA GLY B 422 -1.93 13.22 -2.80
C GLY B 422 -0.80 12.61 -3.58
N ARG B 423 -1.05 11.45 -4.16
CA ARG B 423 -0.09 10.78 -5.01
C ARG B 423 0.14 11.56 -6.30
N VAL B 424 1.34 11.44 -6.85
CA VAL B 424 1.61 11.81 -8.25
C VAL B 424 0.52 11.21 -9.12
N PRO B 425 -0.17 11.98 -9.95
CA PRO B 425 -1.30 11.43 -10.71
C PRO B 425 -0.88 10.36 -11.68
N GLU B 426 -1.78 9.40 -11.87
CA GLU B 426 -1.60 8.29 -12.80
C GLU B 426 -1.93 8.73 -14.21
N ILE B 427 -1.12 8.28 -15.17
CA ILE B 427 -1.41 8.47 -16.59
C ILE B 427 -1.90 7.13 -17.13
N GLN B 428 -3.16 7.03 -17.44
CA GLN B 428 -3.75 5.80 -17.91
C GLN B 428 -3.48 5.60 -19.39
N PRO B 429 -3.05 4.41 -19.81
CA PRO B 429 -2.70 4.19 -21.21
C PRO B 429 -3.90 4.41 -22.11
N ALA B 430 -3.61 4.91 -23.33
CA ALA B 430 -4.66 5.27 -24.28
C ALA B 430 -5.56 4.08 -24.60
N PHE B 431 -5.00 2.86 -24.65
CA PHE B 431 -5.79 1.72 -25.11
C PHE B 431 -6.98 1.44 -24.19
N LEU B 432 -6.98 1.98 -22.98
CA LEU B 432 -8.13 1.80 -22.09
C LEU B 432 -9.38 2.51 -22.60
N PHE B 433 -9.22 3.54 -23.46
CA PHE B 433 -10.33 4.35 -23.93
C PHE B 433 -10.80 3.98 -25.33
N GLU B 434 -10.12 3.05 -25.99
CA GLU B 434 -10.55 2.56 -27.28
C GLU B 434 -11.78 1.67 -27.13
N LYS B 435 -12.40 1.35 -28.26
CA LYS B 435 -13.60 0.53 -28.26
C LYS B 435 -13.28 -0.84 -27.67
N GLY B 436 -14.17 -1.33 -26.81
CA GLY B 436 -13.91 -2.51 -26.02
C GLY B 436 -12.97 -2.30 -24.84
N GLY B 437 -12.42 -1.10 -24.67
CA GLY B 437 -11.55 -0.86 -23.53
C GLY B 437 -12.33 -0.72 -22.23
N GLN B 438 -11.58 -0.85 -21.12
CA GLN B 438 -12.20 -0.78 -19.80
C GLN B 438 -12.87 0.56 -19.58
N LEU B 439 -12.36 1.62 -20.20
CA LEU B 439 -12.77 3.00 -19.91
C LEU B 439 -13.37 3.68 -21.13
N GLU B 440 -13.80 2.88 -22.10
CA GLU B 440 -14.42 3.38 -23.32
C GLU B 440 -15.60 4.31 -23.02
N GLY B 441 -15.62 5.47 -23.67
CA GLY B 441 -16.65 6.45 -23.45
C GLY B 441 -16.29 7.52 -22.43
N GLN B 442 -15.31 7.25 -21.57
CA GLN B 442 -14.86 8.22 -20.59
C GLN B 442 -13.70 9.02 -21.14
N TYR B 443 -13.37 10.11 -20.45
CA TYR B 443 -12.23 10.93 -20.83
C TYR B 443 -11.30 11.05 -19.62
N PRO B 444 -9.98 10.87 -19.79
CA PRO B 444 -9.07 10.81 -18.63
C PRO B 444 -9.04 12.11 -17.86
N ALA B 445 -8.93 12.00 -16.54
CA ALA B 445 -8.99 13.14 -15.65
C ALA B 445 -8.37 12.75 -14.34
N SER B 446 -7.88 13.75 -13.62
CA SER B 446 -7.10 13.48 -12.43
C SER B 446 -7.61 14.35 -11.30
N TRP B 447 -7.82 13.73 -10.13
CA TRP B 447 -8.38 14.37 -8.94
C TRP B 447 -7.54 13.98 -7.74
N PHE B 448 -6.88 14.97 -7.12
CA PHE B 448 -6.01 14.65 -6.01
C PHE B 448 -5.85 15.89 -5.13
N TYR B 449 -5.20 15.71 -3.98
CA TYR B 449 -4.99 16.83 -3.07
C TYR B 449 -3.53 17.20 -3.00
N MET B 450 -3.28 18.50 -2.77
CA MET B 450 -1.91 18.95 -2.49
C MET B 450 -1.54 18.75 -1.02
N ASP B 451 -2.40 19.18 -0.09
CA ASP B 451 -2.08 19.07 1.32
C ASP B 451 -3.00 18.07 2.05
N GLY B 452 -4.30 18.14 1.82
CA GLY B 452 -5.24 17.18 2.38
C GLY B 452 -6.61 17.46 1.81
N TRP B 453 -7.52 16.49 2.00
CA TRP B 453 -8.89 16.70 1.54
C TRP B 453 -9.59 17.73 2.39
N SER B 454 -9.84 17.41 3.65
CA SER B 454 -10.43 18.35 4.58
C SER B 454 -9.36 19.00 5.42
N SER B 455 -9.58 20.27 5.76
CA SER B 455 -8.60 21.03 6.52
C SER B 455 -8.65 20.64 7.99
N ARG B 456 -7.47 20.67 8.63
CA ARG B 456 -7.32 20.41 10.07
C ARG B 456 -6.45 21.54 10.61
N VAL B 457 -7.06 22.68 10.91
CA VAL B 457 -6.35 23.80 11.50
C VAL B 457 -6.44 23.67 13.01
N LYS B 458 -5.30 23.73 13.68
CA LYS B 458 -5.26 23.75 15.14
C LYS B 458 -4.30 24.85 15.56
N ASN B 459 -4.78 25.74 16.44
CA ASN B 459 -3.97 26.84 16.97
C ASN B 459 -3.54 27.81 15.87
N GLY B 460 -4.45 28.09 14.95
CA GLY B 460 -4.19 29.05 13.89
C GLY B 460 -3.19 28.62 12.85
N LYS B 461 -2.87 27.33 12.76
CA LYS B 461 -1.91 26.82 11.81
C LYS B 461 -2.50 25.63 11.09
N PHE B 462 -2.24 25.51 9.79
CA PHE B 462 -2.65 24.34 9.03
C PHE B 462 -1.74 23.16 9.37
N THR B 463 -2.36 22.05 9.76
CA THR B 463 -1.53 20.92 10.19
C THR B 463 -1.13 20.03 9.03
N GLN B 464 -1.87 20.06 7.92
CA GLN B 464 -1.51 19.28 6.75
C GLN B 464 -0.71 20.17 5.79
N LYS B 465 0.48 19.71 5.42
CA LYS B 465 1.39 20.47 4.56
C LYS B 465 1.43 19.89 3.15
N PRO B 466 1.89 20.69 2.17
CA PRO B 466 2.03 20.16 0.82
C PRO B 466 2.92 18.93 0.82
N LYS B 467 2.53 17.91 0.06
CA LYS B 467 3.34 16.68 0.04
C LYS B 467 4.67 16.92 -0.66
N PHE B 468 4.69 17.66 -1.75
CA PHE B 468 5.88 17.77 -2.58
C PHE B 468 6.34 19.21 -2.68
N SER B 469 7.52 19.37 -3.28
CA SER B 469 8.06 20.69 -3.55
C SER B 469 7.32 21.36 -4.70
N ALA B 470 7.54 22.67 -4.83
CA ALA B 470 6.88 23.43 -5.90
C ALA B 470 7.30 22.92 -7.27
N GLU B 471 8.58 22.58 -7.44
CA GLU B 471 9.07 22.12 -8.75
C GLU B 471 8.40 20.81 -9.15
N LYS B 472 8.13 19.94 -8.18
CA LYS B 472 7.47 18.67 -8.51
C LYS B 472 6.01 18.91 -8.90
N TYR B 473 5.34 19.84 -8.22
CA TYR B 473 3.97 20.16 -8.63
C TYR B 473 3.95 20.77 -10.02
N ILE B 474 4.97 21.57 -10.35
CA ILE B 474 5.03 22.15 -11.69
C ILE B 474 5.20 21.06 -12.72
N GLU B 475 6.03 20.05 -12.43
CA GLU B 475 6.19 18.95 -13.36
C GLU B 475 4.89 18.16 -13.51
N ILE B 476 4.14 18.00 -12.41
CA ILE B 476 2.87 17.27 -12.50
C ILE B 476 1.91 17.99 -13.43
N PHE B 477 1.78 19.30 -13.26
CA PHE B 477 0.84 20.06 -14.08
C PHE B 477 1.32 20.20 -15.52
N LYS B 478 2.63 20.22 -15.75
CA LYS B 478 3.10 20.23 -17.13
C LYS B 478 2.77 18.92 -17.83
N LYS B 479 2.92 17.79 -17.12
CA LYS B 479 2.62 16.49 -17.72
C LYS B 479 1.14 16.39 -18.08
N ALA B 480 0.26 16.74 -17.15
CA ALA B 480 -1.16 16.75 -17.47
C ALA B 480 -1.47 17.67 -18.64
N ASP B 481 -0.86 18.86 -18.66
CA ASP B 481 -1.10 19.78 -19.76
C ASP B 481 -0.59 19.19 -21.07
N GLN B 482 0.62 18.62 -21.05
CA GLN B 482 1.20 17.97 -22.22
C GLN B 482 0.24 16.93 -22.81
N VAL B 483 -0.30 16.04 -21.97
CA VAL B 483 -1.13 14.94 -22.46
C VAL B 483 -2.60 15.32 -22.56
N ASN B 484 -2.97 16.56 -22.27
CA ASN B 484 -4.35 17.06 -22.42
C ASN B 484 -5.31 16.32 -21.51
N MET B 485 -4.93 16.19 -20.24
CA MET B 485 -5.75 15.57 -19.20
C MET B 485 -6.06 16.64 -18.16
N PRO B 486 -7.32 16.99 -17.92
CA PRO B 486 -7.62 17.95 -16.85
C PRO B 486 -7.20 17.41 -15.49
N ILE B 487 -6.63 18.29 -14.67
CA ILE B 487 -6.35 18.01 -13.27
C ILE B 487 -7.25 18.90 -12.44
N THR B 488 -7.83 18.32 -11.39
CA THR B 488 -8.52 19.09 -10.35
C THR B 488 -7.82 18.82 -9.03
N ILE B 489 -7.23 19.85 -8.43
CA ILE B 489 -6.38 19.71 -7.25
C ILE B 489 -7.07 20.38 -6.06
N ASN B 490 -6.96 19.72 -4.90
CA ASN B 490 -7.60 20.16 -3.68
C ASN B 490 -6.57 20.87 -2.82
N LEU B 491 -6.85 22.12 -2.45
CA LEU B 491 -6.13 22.77 -1.36
C LEU B 491 -7.09 22.84 -0.18
N ALA B 492 -6.67 22.29 0.96
CA ALA B 492 -7.54 22.25 2.12
C ALA B 492 -7.96 23.66 2.50
N MET B 493 -9.24 23.82 2.82
CA MET B 493 -9.80 25.16 3.02
C MET B 493 -10.60 25.20 4.33
N THR B 494 -10.41 26.29 5.09
CA THR B 494 -11.17 26.48 6.32
C THR B 494 -12.65 26.68 6.00
N PRO B 495 -13.55 26.03 6.75
CA PRO B 495 -14.98 26.20 6.45
C PRO B 495 -15.50 27.61 6.73
N ASP B 496 -14.83 28.39 7.58
CA ASP B 496 -15.20 29.80 7.79
C ASP B 496 -14.43 30.65 6.78
N VAL B 497 -15.08 31.02 5.67
CA VAL B 497 -14.42 31.80 4.62
C VAL B 497 -14.72 33.27 4.91
N THR B 498 -13.82 33.90 5.67
CA THR B 498 -13.94 35.33 5.99
C THR B 498 -12.65 36.05 5.63
N LYS B 499 -12.66 37.37 5.83
CA LYS B 499 -11.60 38.27 5.39
C LYS B 499 -10.41 38.34 6.35
N GLY B 500 -10.51 37.78 7.55
CA GLY B 500 -9.48 38.00 8.55
C GLY B 500 -8.31 37.03 8.59
N HIS B 501 -8.54 35.76 8.28
CA HIS B 501 -7.57 34.70 8.40
C HIS B 501 -7.34 34.04 7.05
N PRO B 502 -6.20 33.37 6.87
CA PRO B 502 -5.99 32.64 5.61
C PRO B 502 -7.00 31.53 5.47
N ILE B 503 -7.64 31.44 4.30
CA ILE B 503 -8.59 30.37 4.12
C ILE B 503 -7.96 29.14 3.47
N PHE B 504 -6.83 29.31 2.78
CA PHE B 504 -6.01 28.20 2.32
C PHE B 504 -4.67 28.26 3.02
N ASN B 505 -3.99 27.11 3.07
CA ASN B 505 -2.61 27.09 3.59
C ASN B 505 -1.77 28.04 2.73
N PRO B 506 -1.13 29.05 3.32
CA PRO B 506 -0.33 29.99 2.51
C PRO B 506 0.79 29.32 1.75
N GLU B 507 1.35 28.23 2.29
CA GLU B 507 2.37 27.48 1.57
C GLU B 507 1.81 26.86 0.30
N SER B 508 0.58 26.32 0.36
CA SER B 508 -0.03 25.75 -0.83
C SER B 508 -0.34 26.82 -1.87
N ILE B 509 -0.86 27.97 -1.43
CA ILE B 509 -1.15 29.06 -2.37
C ILE B 509 0.11 29.44 -3.14
N GLU B 510 1.24 29.62 -2.43
CA GLU B 510 2.48 30.02 -3.08
C GLU B 510 2.94 28.98 -4.11
N ILE B 511 2.65 27.70 -3.86
CA ILE B 511 2.99 26.69 -4.85
C ILE B 511 2.14 26.84 -6.10
N MET B 512 0.80 26.97 -5.94
CA MET B 512 -0.06 27.12 -7.11
C MET B 512 0.22 28.42 -7.85
N LYS B 513 0.67 29.45 -7.16
CA LYS B 513 1.09 30.67 -7.86
C LYS B 513 2.24 30.38 -8.81
N LYS B 514 3.23 29.60 -8.33
CA LYS B 514 4.29 29.15 -9.21
C LYS B 514 3.75 28.28 -10.34
N VAL B 515 2.79 27.41 -10.02
CA VAL B 515 2.18 26.58 -11.07
C VAL B 515 1.51 27.47 -12.12
N ARG B 516 0.78 28.49 -11.68
CA ARG B 516 0.12 29.33 -12.66
C ARG B 516 1.14 30.05 -13.54
N LYS B 517 2.18 30.61 -12.91
CA LYS B 517 3.23 31.28 -13.67
C LYS B 517 3.89 30.33 -14.66
N ALA B 518 3.90 29.04 -14.38
CA ALA B 518 4.66 28.11 -15.18
C ALA B 518 3.82 27.43 -16.26
N VAL B 519 2.53 27.25 -16.02
CA VAL B 519 1.67 26.49 -16.91
C VAL B 519 0.78 27.45 -17.69
N LYS B 520 0.50 28.60 -17.10
CA LYS B 520 -0.38 29.58 -17.72
C LYS B 520 0.29 30.94 -17.84
N GLY B 521 1.58 30.95 -18.18
CA GLY B 521 2.33 32.19 -18.29
C GLY B 521 3.13 32.32 -19.57
N TYR B 522 2.53 32.94 -20.60
CA TYR B 522 3.17 33.10 -21.90
C TYR B 522 4.09 34.30 -21.98
N LEU B 523 3.97 35.27 -21.07
CA LEU B 523 4.76 36.53 -21.10
C LEU B 523 4.79 37.22 -22.47
C1 FUL C . 16.62 -3.15 0.75
C2 FUL C . 16.98 -3.27 -0.74
O2 FUL C . 15.91 -3.88 -1.42
C3 FUL C . 17.37 -1.91 -1.30
O3 FUL C . 17.91 -2.09 -2.58
C4 FUL C . 18.40 -1.21 -0.42
O4 FUL C . 19.62 -1.87 -0.67
C5 FUL C . 17.90 -1.24 1.02
C6 FUL C . 18.81 -0.62 2.06
O5 FUL C . 17.69 -2.58 1.43
O1 FUL C . 16.39 -4.37 1.39
C1 FUL D . 32.64 1.96 17.56
C2 FUL D . 32.38 3.12 18.45
O2 FUL D . 31.72 2.69 19.64
C3 FUL D . 33.67 3.80 18.83
O3 FUL D . 33.36 5.00 19.53
C4 FUL D . 34.54 4.13 17.62
O4 FUL D . 34.09 5.33 17.02
C5 FUL D . 34.53 3.01 16.57
C6 FUL D . 34.95 3.53 15.20
O5 FUL D . 33.21 2.47 16.39
O1 FUL D . 31.45 1.29 17.27
C1 FUL E . 17.34 -6.61 -2.18
C2 FUL E . 16.60 -7.52 -3.18
O2 FUL E . 15.22 -7.59 -2.93
C3 FUL E . 16.97 -7.02 -4.59
O3 FUL E . 16.21 -7.68 -5.57
C4 FUL E . 18.47 -7.22 -4.73
O4 FUL E . 18.74 -8.59 -4.52
C5 FUL E . 19.18 -6.35 -3.69
C6 FUL E . 20.68 -6.54 -3.71
O5 FUL E . 18.74 -6.66 -2.37
O1 FUL E . 17.12 -6.88 -0.82
C1 FUL F . 18.10 -28.11 9.57
C2 FUL F . 18.97 -26.96 10.10
O2 FUL F . 18.72 -25.79 9.33
C3 FUL F . 18.73 -26.75 11.60
O3 FUL F . 19.49 -25.68 12.12
C4 FUL F . 18.92 -28.09 12.33
O4 FUL F . 20.25 -28.51 12.16
C5 FUL F . 17.92 -29.10 11.75
C6 FUL F . 18.00 -30.44 12.46
O5 FUL F . 18.13 -29.28 10.34
O1 FUL F . 18.48 -28.48 8.28
C1 FUL G . 18.91 -29.67 -6.74
C2 FUL G . 20.36 -29.34 -6.35
O2 FUL G . 20.76 -28.02 -6.65
C3 FUL G . 20.47 -29.63 -4.87
O3 FUL G . 21.75 -29.20 -4.45
C4 FUL G . 20.20 -31.12 -4.67
O4 FUL G . 21.11 -31.88 -5.46
C5 FUL G . 18.75 -31.37 -5.06
C6 FUL G . 18.35 -32.82 -4.86
O5 FUL G . 18.54 -30.98 -6.42
O1 FUL G . 18.72 -29.58 -8.13
MG MG H . 19.39 14.13 19.61
C1 FUL I . -12.76 10.39 -1.13
C2 FUL I . -13.21 10.97 0.23
O2 FUL I . -13.11 10.01 1.24
C3 FUL I . -12.42 12.25 0.51
O3 FUL I . -12.77 12.78 1.75
C4 FUL I . -12.71 13.24 -0.61
O4 FUL I . -14.05 13.61 -0.45
C5 FUL I . -12.35 12.61 -1.97
C6 FUL I . -12.84 13.42 -3.16
O5 FUL I . -12.87 11.30 -2.17
O1 FUL I . -13.57 9.35 -1.57
C1 FUL J . -35.27 -2.58 8.29
C2 FUL J . -34.36 -2.55 9.52
O2 FUL J . -34.16 -1.21 9.94
C3 FUL J . -35.01 -3.48 10.55
O3 FUL J . -34.16 -3.52 11.67
C4 FUL J . -35.31 -4.88 9.97
O4 FUL J . -34.12 -5.61 9.82
C5 FUL J . -36.07 -4.76 8.63
C6 FUL J . -36.21 -6.07 7.89
O5 FUL J . -35.36 -3.86 7.77
O1 FUL J . -34.77 -1.79 7.28
MG MG K . -3.21 20.65 -22.59
#